data_4BPT
#
_entry.id   4BPT
#
_cell.length_a   90.320
_cell.length_b   60.120
_cell.length_c   124.040
_cell.angle_alpha   90.00
_cell.angle_beta   94.07
_cell.angle_gamma   90.00
#
_symmetry.space_group_name_H-M   'P 1 21 1'
#
loop_
_entity.id
_entity.type
_entity.pdbx_description
1 polymer 'PHENYLALANINE-4-HYDROXYLASE (PAH) (PHE-4-MONOOXYGENASE)'
2 non-polymer DI(HYDROXYETHYL)ETHER
3 water water
#
_entity_poly.entity_id   1
_entity_poly.type   'polypeptide(L)'
_entity_poly.pdbx_seq_one_letter_code
;MEFSSRYVAHVPDAQGLVDYSAQENRIWNILFERQLKLLPGRACDEFLSGLQTLGLNSSTIPQLPEVSERLKAKTGWQVA
PVAALISAREFFELLAEKYFPAATFIRSEEELDYVQEPDIFHELFGHCPMLTDRVYAEFVHDYACKVLTFPEQDWPLLQR
MFWFTVEFGLIKTPKGLRAYGGGILSSISETVYCVESDIPVRILFDPVVAFRMPYRIDQLQPVYFVIDSYQNLYDFVLSD
MGKFMDRARELGELPPYFDVDPDNPNIHIRAC
;
_entity_poly.pdbx_strand_id   A,B,C,D
#
# COMPACT_ATOMS: atom_id res chain seq x y z
N VAL A 8 -5.86 36.92 23.44
CA VAL A 8 -5.76 38.30 22.84
C VAL A 8 -4.54 38.55 21.97
N ALA A 9 -4.79 39.35 20.96
CA ALA A 9 -3.96 39.45 19.83
C ALA A 9 -3.00 40.71 19.84
N HIS A 10 -1.92 40.57 19.08
CA HIS A 10 -1.03 41.69 18.82
C HIS A 10 -1.54 42.53 17.69
N VAL A 11 -1.27 43.82 17.78
CA VAL A 11 -1.67 44.69 16.71
C VAL A 11 -0.44 44.95 15.84
N PRO A 12 -0.54 44.68 14.54
CA PRO A 12 0.58 44.73 13.69
C PRO A 12 1.03 46.16 13.35
N ASP A 13 2.27 46.28 12.91
CA ASP A 13 2.90 47.58 12.81
C ASP A 13 2.56 48.18 11.47
N ALA A 14 3.22 49.30 11.12
CA ALA A 14 2.89 49.99 9.85
C ALA A 14 2.88 48.98 8.73
N GLN A 15 3.93 48.16 8.74
CA GLN A 15 4.29 47.28 7.63
C GLN A 15 3.90 45.80 7.83
N GLY A 16 2.91 45.54 8.68
CA GLY A 16 2.40 44.17 8.88
C GLY A 16 3.08 43.25 9.90
N LEU A 17 4.32 43.56 10.26
CA LEU A 17 5.17 42.73 11.13
C LEU A 17 4.64 42.71 12.56
N VAL A 18 4.85 41.62 13.27
CA VAL A 18 4.25 41.52 14.59
C VAL A 18 5.22 40.95 15.53
N ASP A 19 5.41 41.68 16.63
CA ASP A 19 6.50 41.46 17.60
C ASP A 19 6.26 40.29 18.60
N TYR A 20 6.29 39.04 18.15
CA TYR A 20 6.11 37.86 18.97
C TYR A 20 7.38 37.66 19.79
N SER A 21 7.26 37.31 21.06
CA SER A 21 8.52 36.79 21.67
C SER A 21 8.57 35.28 21.98
N ALA A 22 9.80 34.87 22.39
CA ALA A 22 10.31 33.50 22.39
C ALA A 22 9.36 32.42 22.79
N GLN A 23 8.50 32.74 23.74
CA GLN A 23 7.68 31.71 24.30
C GLN A 23 6.57 31.37 23.34
N GLU A 24 5.97 32.42 22.77
CA GLU A 24 4.97 32.26 21.76
C GLU A 24 5.50 31.43 20.65
N ASN A 25 6.72 31.79 20.23
CA ASN A 25 7.46 31.01 19.21
C ASN A 25 7.75 29.54 19.57
N ARG A 26 8.02 29.22 20.85
CA ARG A 26 8.33 27.80 21.23
C ARG A 26 7.08 26.88 21.03
N ILE A 27 5.92 27.37 21.52
CA ILE A 27 4.62 26.72 21.34
C ILE A 27 4.34 26.56 19.86
N TRP A 28 4.56 27.62 19.03
CA TRP A 28 4.38 27.37 17.58
C TRP A 28 5.25 26.20 17.24
N ASN A 29 6.52 26.29 17.65
CA ASN A 29 7.43 25.24 17.41
C ASN A 29 6.98 23.85 17.90
N ILE A 30 6.50 23.70 19.15
CA ILE A 30 6.12 22.38 19.59
C ILE A 30 4.91 21.91 18.77
N LEU A 31 3.98 22.80 18.46
CA LEU A 31 2.83 22.43 17.63
C LEU A 31 3.26 22.02 16.25
N PHE A 32 4.20 22.77 15.70
CA PHE A 32 4.62 22.50 14.32
C PHE A 32 5.35 21.13 14.22
N GLU A 33 6.39 21.02 14.99
CA GLU A 33 7.20 19.80 15.09
C GLU A 33 6.39 18.51 15.25
N ARG A 34 5.30 18.52 16.02
CA ARG A 34 4.61 17.30 16.29
C ARG A 34 3.52 16.96 15.19
N GLN A 35 2.91 17.98 14.63
CA GLN A 35 2.03 17.73 13.51
C GLN A 35 2.87 17.28 12.29
N LEU A 36 3.98 17.94 12.04
CA LEU A 36 4.75 17.55 10.88
C LEU A 36 4.97 16.04 10.82
N LYS A 37 5.27 15.41 11.93
CA LYS A 37 5.60 13.97 11.97
C LYS A 37 4.45 13.16 11.42
N LEU A 38 3.23 13.53 11.79
CA LEU A 38 2.06 12.67 11.52
C LEU A 38 1.50 12.81 10.13
N LEU A 39 1.92 13.85 9.40
CA LEU A 39 1.33 14.17 8.08
C LEU A 39 1.48 13.19 6.96
N PRO A 40 2.69 12.60 6.81
CA PRO A 40 3.05 11.72 5.69
C PRO A 40 2.01 10.75 5.10
N GLY A 41 1.41 9.89 5.91
CA GLY A 41 0.38 8.99 5.34
C GLY A 41 -1.08 9.49 5.45
N ARG A 42 -1.25 10.74 5.90
CA ARG A 42 -2.55 11.22 6.37
C ARG A 42 -3.10 12.47 5.68
N ALA A 43 -2.31 13.52 5.56
CA ALA A 43 -2.74 14.72 4.79
C ALA A 43 -2.70 14.44 3.28
N CYS A 44 -3.52 15.16 2.53
CA CYS A 44 -3.59 15.03 1.09
C CYS A 44 -2.41 15.71 0.45
N ASP A 45 -2.07 15.29 -0.79
CA ASP A 45 -0.89 15.85 -1.44
C ASP A 45 -0.94 17.38 -1.50
N GLU A 46 -2.14 17.94 -1.78
CA GLU A 46 -2.29 19.36 -1.94
C GLU A 46 -1.94 20.12 -0.67
N PHE A 47 -2.35 19.59 0.48
CA PHE A 47 -1.89 20.10 1.79
C PHE A 47 -0.37 20.03 1.94
N LEU A 48 0.18 18.88 1.68
CA LEU A 48 1.68 18.74 1.73
C LEU A 48 2.38 19.88 0.99
N SER A 49 2.05 20.07 -0.29
CA SER A 49 2.72 21.10 -1.06
C SER A 49 2.35 22.55 -0.71
N GLY A 50 1.10 22.79 -0.21
CA GLY A 50 0.65 24.12 0.19
C GLY A 50 1.55 24.64 1.30
N LEU A 51 1.78 23.78 2.28
CA LEU A 51 2.76 23.99 3.37
C LEU A 51 4.16 24.42 2.90
N GLN A 52 4.61 23.77 1.85
CA GLN A 52 5.94 24.07 1.33
C GLN A 52 5.86 25.41 0.59
N THR A 53 4.86 25.53 -0.29
CA THR A 53 4.63 26.73 -1.00
C THR A 53 4.50 27.92 -0.06
N LEU A 54 3.87 27.70 1.07
CA LEU A 54 3.63 28.85 1.98
C LEU A 54 4.80 29.23 2.86
N GLY A 55 5.88 28.46 2.86
CA GLY A 55 7.08 28.88 3.54
C GLY A 55 6.97 28.76 5.05
N LEU A 56 6.21 27.78 5.52
CA LEU A 56 6.02 27.68 6.95
C LEU A 56 7.20 27.02 7.73
N ASN A 57 7.94 27.86 8.43
CA ASN A 57 9.08 27.48 9.27
C ASN A 57 8.57 26.73 10.56
N SER A 58 9.33 25.76 11.03
CA SER A 58 9.05 25.05 12.29
C SER A 58 9.83 25.67 13.41
N SER A 59 9.76 26.98 13.58
CA SER A 59 10.77 27.71 14.35
C SER A 59 10.29 29.01 14.92
N THR A 60 9.66 29.82 14.09
CA THR A 60 8.96 31.04 14.50
C THR A 60 7.53 31.02 13.96
N ILE A 61 6.66 31.83 14.56
CA ILE A 61 5.34 32.13 14.01
C ILE A 61 5.58 33.00 12.73
N PRO A 62 5.00 32.65 11.62
CA PRO A 62 5.17 33.49 10.41
C PRO A 62 4.75 34.99 10.56
N GLN A 63 5.28 35.81 9.65
CA GLN A 63 4.78 37.17 9.44
C GLN A 63 3.84 37.07 8.27
N LEU A 64 2.65 37.68 8.41
CA LEU A 64 1.57 37.57 7.42
C LEU A 64 1.95 38.06 6.04
N PRO A 65 2.69 39.19 5.94
CA PRO A 65 2.93 39.72 4.54
C PRO A 65 3.52 38.68 3.60
N GLU A 66 4.65 38.10 4.00
CA GLU A 66 5.34 37.06 3.24
C GLU A 66 4.42 35.91 2.92
N VAL A 67 3.64 35.47 3.91
CA VAL A 67 2.76 34.28 3.74
C VAL A 67 1.73 34.70 2.72
N SER A 68 1.14 35.87 2.92
CA SER A 68 0.15 36.36 2.01
C SER A 68 0.68 36.39 0.55
N GLU A 69 1.73 37.18 0.37
CA GLU A 69 2.41 37.27 -0.91
C GLU A 69 2.52 35.93 -1.65
N ARG A 70 2.80 34.87 -0.89
CA ARG A 70 2.96 33.54 -1.47
C ARG A 70 1.67 32.92 -1.85
N LEU A 71 0.65 33.08 -1.00
CA LEU A 71 -0.72 32.56 -1.24
C LEU A 71 -1.25 33.23 -2.50
N LYS A 72 -1.20 34.54 -2.53
CA LYS A 72 -1.71 35.36 -3.61
C LYS A 72 -1.23 34.96 -4.95
N ALA A 73 0.05 34.63 -5.02
CA ALA A 73 0.64 34.28 -6.31
C ALA A 73 0.18 32.88 -6.80
N LYS A 74 -0.32 32.06 -5.91
CA LYS A 74 -0.93 30.76 -6.31
C LYS A 74 -2.43 30.86 -6.75
N THR A 75 -3.21 31.72 -6.13
CA THR A 75 -4.68 31.71 -6.28
C THR A 75 -5.44 32.99 -5.99
N GLY A 76 -4.73 34.10 -5.82
CA GLY A 76 -5.36 35.37 -5.51
C GLY A 76 -5.80 35.55 -4.07
N TRP A 77 -5.59 34.57 -3.23
CA TRP A 77 -5.90 34.70 -1.81
C TRP A 77 -4.86 35.44 -1.03
N GLN A 78 -5.27 35.98 0.13
CA GLN A 78 -4.34 36.67 1.02
C GLN A 78 -4.74 36.31 2.40
N VAL A 79 -3.96 36.78 3.38
CA VAL A 79 -4.28 36.58 4.80
C VAL A 79 -4.42 37.94 5.45
N ALA A 80 -5.47 38.13 6.27
CA ALA A 80 -5.71 39.37 6.95
C ALA A 80 -5.61 39.12 8.44
N PRO A 81 -4.86 40.00 9.12
CA PRO A 81 -4.79 39.92 10.55
C PRO A 81 -6.13 40.35 11.19
N VAL A 82 -6.67 39.59 12.15
CA VAL A 82 -7.83 40.03 12.88
C VAL A 82 -7.70 39.77 14.36
N ALA A 83 -8.67 40.24 15.16
CA ALA A 83 -8.74 39.98 16.70
C ALA A 83 -9.11 38.52 16.98
N ALA A 84 -9.10 38.15 18.26
CA ALA A 84 -9.44 36.77 18.66
C ALA A 84 -10.88 36.31 18.39
N LEU A 85 -11.88 37.17 18.45
CA LEU A 85 -13.20 36.58 18.44
C LEU A 85 -14.07 37.21 17.41
N ILE A 86 -13.86 36.85 16.18
CA ILE A 86 -14.58 37.45 15.12
C ILE A 86 -15.84 36.68 14.90
N SER A 87 -16.79 37.31 14.19
CA SER A 87 -18.19 36.84 14.16
C SER A 87 -18.42 35.99 12.94
N ALA A 88 -19.53 35.24 12.87
CA ALA A 88 -19.68 34.39 11.71
C ALA A 88 -19.68 35.26 10.47
N ARG A 89 -20.48 36.31 10.51
CA ARG A 89 -20.57 37.28 9.41
C ARG A 89 -19.16 37.82 9.04
N GLU A 90 -18.32 38.18 10.03
CA GLU A 90 -17.03 38.82 9.65
C GLU A 90 -16.11 37.84 8.92
N PHE A 91 -16.10 36.60 9.38
CA PHE A 91 -15.45 35.46 8.70
C PHE A 91 -15.88 35.35 7.25
N PHE A 92 -17.18 35.27 7.03
CA PHE A 92 -17.64 35.03 5.66
C PHE A 92 -17.48 36.25 4.76
N GLU A 93 -17.59 37.45 5.34
CA GLU A 93 -17.32 38.69 4.54
C GLU A 93 -15.91 38.74 4.07
N LEU A 94 -14.98 38.25 4.90
CA LEU A 94 -13.54 38.20 4.51
C LEU A 94 -13.26 37.15 3.48
N LEU A 95 -13.70 35.89 3.68
CA LEU A 95 -13.53 34.86 2.69
C LEU A 95 -14.09 35.32 1.33
N ALA A 96 -15.21 36.03 1.38
CA ALA A 96 -15.85 36.56 0.19
C ALA A 96 -14.95 37.48 -0.67
N GLU A 97 -14.12 38.32 -0.03
CA GLU A 97 -13.20 39.21 -0.74
C GLU A 97 -11.81 38.52 -0.88
N LYS A 98 -11.76 37.19 -0.76
CA LYS A 98 -10.49 36.37 -0.87
C LYS A 98 -9.39 36.56 0.20
N TYR A 99 -9.77 36.99 1.40
CA TYR A 99 -8.85 37.12 2.52
C TYR A 99 -9.14 36.02 3.55
N PHE A 100 -8.12 35.23 3.95
CA PHE A 100 -8.27 34.30 5.10
C PHE A 100 -7.82 34.96 6.39
N PRO A 101 -8.70 34.91 7.41
CA PRO A 101 -8.47 35.69 8.60
C PRO A 101 -7.47 34.97 9.45
N ALA A 102 -6.48 35.70 9.99
CA ALA A 102 -5.53 35.12 10.89
C ALA A 102 -5.47 35.95 12.16
N ALA A 103 -5.87 35.33 13.26
CA ALA A 103 -5.80 36.04 14.54
C ALA A 103 -4.37 35.91 15.00
N THR A 104 -3.83 37.00 15.43
CA THR A 104 -2.45 37.12 15.83
C THR A 104 -2.21 36.86 17.33
N PHE A 105 -2.65 35.68 17.76
CA PHE A 105 -2.25 35.12 19.02
C PHE A 105 -2.11 33.63 18.79
N ILE A 106 -1.45 32.97 19.73
CA ILE A 106 -1.32 31.50 19.68
C ILE A 106 -1.86 30.97 20.98
N ARG A 107 -2.36 29.74 20.95
CA ARG A 107 -2.81 29.08 22.16
C ARG A 107 -1.73 29.06 23.25
N SER A 108 -2.16 28.86 24.48
CA SER A 108 -1.21 28.82 25.61
C SER A 108 -0.69 27.43 25.88
N GLU A 109 0.48 27.37 26.56
CA GLU A 109 1.10 26.08 27.01
C GLU A 109 0.03 25.10 27.59
N GLU A 110 -0.81 25.58 28.50
CA GLU A 110 -1.90 24.77 29.05
C GLU A 110 -2.93 24.31 27.99
N GLU A 111 -3.19 25.15 26.98
CA GLU A 111 -4.13 24.80 25.94
C GLU A 111 -3.49 24.31 24.66
N LEU A 112 -2.77 23.20 24.74
CA LEU A 112 -1.99 22.71 23.62
C LEU A 112 -2.78 21.72 22.78
N ASP A 113 -3.39 20.73 23.43
CA ASP A 113 -3.93 19.57 22.71
C ASP A 113 -5.28 19.81 22.05
N TYR A 114 -6.25 20.24 22.87
CA TYR A 114 -7.59 20.68 22.42
C TYR A 114 -7.78 22.19 22.71
N VAL A 115 -8.44 22.91 21.80
CA VAL A 115 -8.64 24.36 21.93
C VAL A 115 -9.79 24.87 21.02
N GLN A 116 -10.85 25.38 21.64
CA GLN A 116 -12.08 25.77 20.96
C GLN A 116 -11.96 27.09 20.19
N GLU A 117 -11.15 28.02 20.70
CA GLU A 117 -10.98 29.35 20.07
C GLU A 117 -9.76 29.33 19.08
N PRO A 118 -10.01 29.23 17.78
CA PRO A 118 -8.96 29.10 16.77
C PRO A 118 -7.87 30.14 16.73
N ASP A 119 -6.62 29.69 16.73
CA ASP A 119 -5.46 30.59 16.81
C ASP A 119 -4.63 30.56 15.51
N ILE A 120 -3.53 31.28 15.49
CA ILE A 120 -2.65 31.42 14.30
C ILE A 120 -2.08 30.07 13.80
N PHE A 121 -1.98 29.08 14.68
CA PHE A 121 -1.68 27.72 14.23
C PHE A 121 -2.85 27.09 13.45
N HIS A 122 -4.02 26.97 14.08
CA HIS A 122 -5.26 26.54 13.46
C HIS A 122 -5.38 27.12 12.07
N GLU A 123 -5.07 28.42 11.93
CA GLU A 123 -5.27 29.14 10.64
C GLU A 123 -4.17 28.85 9.69
N LEU A 124 -2.97 29.38 9.95
CA LEU A 124 -1.90 29.37 8.99
C LEU A 124 -1.42 27.95 8.75
N PHE A 125 -1.48 27.10 9.75
CA PHE A 125 -1.05 25.71 9.49
C PHE A 125 -2.20 24.85 8.93
N GLY A 126 -3.38 24.91 9.52
CA GLY A 126 -4.46 23.95 9.16
C GLY A 126 -5.23 24.29 7.93
N HIS A 127 -5.45 25.56 7.69
CA HIS A 127 -6.33 25.98 6.62
C HIS A 127 -5.66 26.55 5.41
N CYS A 128 -4.84 27.58 5.56
CA CYS A 128 -4.20 28.23 4.43
C CYS A 128 -3.53 27.30 3.43
N PRO A 129 -2.81 26.28 3.89
CA PRO A 129 -2.14 25.47 2.87
C PRO A 129 -3.04 24.86 1.76
N MET A 130 -4.30 24.56 2.08
CA MET A 130 -5.24 24.04 1.01
C MET A 130 -5.73 25.10 0.10
N LEU A 131 -5.57 26.36 0.52
CA LEU A 131 -5.97 27.53 -0.34
C LEU A 131 -4.95 27.78 -1.43
N THR A 132 -3.85 27.09 -1.40
CA THR A 132 -2.94 27.18 -2.54
C THR A 132 -3.38 26.25 -3.77
N ASP A 133 -4.46 25.47 -3.67
CA ASP A 133 -4.96 24.58 -4.75
C ASP A 133 -6.11 25.24 -5.37
N ARG A 134 -6.08 25.38 -6.70
CA ARG A 134 -6.92 26.35 -7.38
C ARG A 134 -8.39 26.05 -7.31
N VAL A 135 -8.79 24.78 -7.42
CA VAL A 135 -10.16 24.46 -7.43
C VAL A 135 -10.64 24.60 -5.99
N TYR A 136 -9.81 24.18 -5.03
CA TYR A 136 -10.21 24.37 -3.68
C TYR A 136 -10.41 25.83 -3.37
N ALA A 137 -9.47 26.68 -3.77
CA ALA A 137 -9.51 28.09 -3.34
C ALA A 137 -10.72 28.73 -3.91
N GLU A 138 -11.04 28.34 -5.15
CA GLU A 138 -12.25 28.85 -5.80
C GLU A 138 -13.53 28.36 -5.19
N PHE A 139 -13.52 27.16 -4.62
CA PHE A 139 -14.72 26.63 -3.96
C PHE A 139 -14.93 27.33 -2.62
N VAL A 140 -13.85 27.60 -1.89
CA VAL A 140 -14.00 28.28 -0.62
C VAL A 140 -14.60 29.69 -0.87
N HIS A 141 -14.14 30.36 -1.88
CA HIS A 141 -14.56 31.70 -2.17
C HIS A 141 -15.99 31.77 -2.66
N ASP A 142 -16.35 30.89 -3.60
CA ASP A 142 -17.69 30.82 -4.07
C ASP A 142 -18.56 30.44 -2.93
N TYR A 143 -18.12 29.49 -2.10
CA TYR A 143 -18.98 29.11 -0.98
C TYR A 143 -19.32 30.29 -0.05
N ALA A 144 -18.28 31.02 0.42
CA ALA A 144 -18.46 32.24 1.22
C ALA A 144 -19.45 33.18 0.56
N CYS A 145 -19.16 33.53 -0.68
CA CYS A 145 -19.98 34.45 -1.47
C CYS A 145 -21.45 34.10 -1.45
N LYS A 146 -21.73 32.85 -1.80
CA LYS A 146 -23.08 32.39 -1.75
C LYS A 146 -23.64 32.36 -0.34
N VAL A 147 -22.87 32.24 0.74
CA VAL A 147 -23.52 32.39 2.04
C VAL A 147 -24.09 33.87 2.32
N LEU A 148 -23.84 34.90 1.49
CA LEU A 148 -24.95 35.98 1.37
C LEU A 148 -25.78 35.43 0.36
N THR A 149 -26.83 36.08 0.00
CA THR A 149 -27.65 35.43 -0.99
C THR A 149 -28.54 34.64 -0.06
N PHE A 150 -27.99 34.31 1.11
CA PHE A 150 -28.76 33.55 2.08
C PHE A 150 -28.96 34.35 3.30
N PRO A 151 -30.18 34.30 3.84
CA PRO A 151 -30.54 34.88 5.13
C PRO A 151 -30.03 34.06 6.30
N GLU A 152 -29.59 34.76 7.36
CA GLU A 152 -29.18 34.21 8.66
C GLU A 152 -29.93 32.97 9.11
N GLN A 153 -31.19 32.84 8.79
CA GLN A 153 -31.96 31.62 9.10
C GLN A 153 -31.34 30.34 8.47
N ASP A 154 -30.53 30.49 7.43
CA ASP A 154 -30.00 29.35 6.67
C ASP A 154 -28.55 29.09 6.92
N TRP A 155 -27.91 29.98 7.68
CA TRP A 155 -26.49 29.80 7.97
C TRP A 155 -26.22 28.66 8.87
N PRO A 156 -27.21 28.14 9.61
CA PRO A 156 -26.74 27.06 10.43
C PRO A 156 -26.46 25.83 9.55
N LEU A 157 -27.31 25.56 8.58
CA LEU A 157 -27.18 24.48 7.61
C LEU A 157 -25.95 24.73 6.73
N LEU A 158 -25.75 25.98 6.34
CA LEU A 158 -24.57 26.34 5.54
C LEU A 158 -23.33 26.13 6.40
N GLN A 159 -23.45 26.37 7.68
CA GLN A 159 -22.27 26.16 8.60
C GLN A 159 -22.07 24.68 8.96
N ARG A 160 -23.14 23.92 8.98
CA ARG A 160 -23.01 22.45 8.97
C ARG A 160 -22.16 21.90 7.80
N MET A 161 -22.50 22.30 6.58
CA MET A 161 -21.83 21.86 5.36
C MET A 161 -20.38 22.28 5.33
N PHE A 162 -20.13 23.47 5.80
CA PHE A 162 -18.77 23.97 5.90
C PHE A 162 -17.93 23.07 6.83
N TRP A 163 -18.56 22.64 7.93
CA TRP A 163 -17.90 21.80 8.96
C TRP A 163 -17.51 20.50 8.36
N PHE A 164 -18.39 19.90 7.54
CA PHE A 164 -18.09 18.58 6.91
C PHE A 164 -17.25 18.60 5.67
N THR A 165 -16.78 19.78 5.28
CA THR A 165 -15.88 19.92 4.09
C THR A 165 -14.61 20.65 4.49
N VAL A 166 -14.66 21.97 4.53
CA VAL A 166 -13.46 22.80 4.85
C VAL A 166 -12.85 22.39 6.15
N GLU A 167 -13.60 22.08 7.19
CA GLU A 167 -12.98 21.64 8.46
C GLU A 167 -12.59 20.17 8.62
N PHE A 168 -13.50 19.25 8.25
CA PHE A 168 -13.38 17.82 8.65
C PHE A 168 -13.55 16.85 7.51
N GLY A 169 -13.33 17.29 6.31
CA GLY A 169 -13.47 16.42 5.16
C GLY A 169 -12.24 15.58 4.84
N LEU A 170 -12.56 14.42 4.22
CA LEU A 170 -11.58 13.41 3.80
C LEU A 170 -11.72 13.30 2.30
N ILE A 171 -10.69 12.75 1.67
CA ILE A 171 -10.67 12.57 0.21
C ILE A 171 -10.14 11.19 -0.06
N LYS A 172 -10.93 10.35 -0.71
CA LYS A 172 -10.48 9.00 -1.03
C LYS A 172 -9.68 9.17 -2.34
N THR A 173 -8.37 8.94 -2.25
CA THR A 173 -7.44 9.10 -3.36
C THR A 173 -7.04 7.74 -3.95
N PRO A 174 -6.29 7.75 -5.07
CA PRO A 174 -5.84 6.45 -5.58
C PRO A 174 -4.84 5.73 -4.69
N LYS A 175 -4.13 6.48 -3.86
CA LYS A 175 -3.21 5.89 -2.87
C LYS A 175 -3.88 5.73 -1.51
N GLY A 176 -5.20 5.98 -1.46
CA GLY A 176 -5.98 5.81 -0.21
C GLY A 176 -6.70 7.03 0.35
N LEU A 177 -7.31 6.83 1.52
CA LEU A 177 -8.01 7.88 2.24
C LEU A 177 -7.01 8.87 2.77
N ARG A 178 -7.30 10.15 2.59
CA ARG A 178 -6.45 11.26 3.17
C ARG A 178 -7.37 12.32 3.67
N ALA A 179 -6.83 13.25 4.39
CA ALA A 179 -7.63 14.26 4.95
C ALA A 179 -7.28 15.60 4.26
N TYR A 180 -8.29 16.42 3.95
CA TYR A 180 -8.08 17.86 3.60
C TYR A 180 -8.51 18.86 4.66
N GLY A 181 -9.33 18.39 5.61
CA GLY A 181 -9.97 19.28 6.51
C GLY A 181 -8.98 19.98 7.40
N GLY A 182 -9.12 21.30 7.48
CA GLY A 182 -8.19 22.13 8.26
C GLY A 182 -8.38 21.93 9.70
N GLY A 183 -9.56 21.47 10.08
CA GLY A 183 -9.81 21.11 11.50
C GLY A 183 -9.15 19.81 11.88
N ILE A 184 -8.87 18.96 10.91
CA ILE A 184 -8.22 17.74 11.20
C ILE A 184 -6.73 17.99 11.22
N LEU A 185 -6.24 18.71 10.20
CA LEU A 185 -4.79 18.79 9.99
C LEU A 185 -4.10 19.70 11.04
N SER A 186 -4.86 20.40 11.84
CA SER A 186 -4.24 21.27 12.84
C SER A 186 -4.24 20.62 14.26
N SER A 187 -4.83 19.41 14.39
CA SER A 187 -5.05 18.73 15.64
C SER A 187 -4.33 17.42 15.50
N ILE A 188 -3.59 17.02 16.55
CA ILE A 188 -2.79 15.77 16.52
C ILE A 188 -3.68 14.52 16.71
N SER A 189 -4.74 14.68 17.50
CA SER A 189 -5.74 13.64 17.76
C SER A 189 -6.57 13.30 16.55
N GLU A 190 -7.28 14.30 16.03
CA GLU A 190 -8.03 14.10 14.80
C GLU A 190 -7.14 13.46 13.71
N THR A 191 -5.94 14.00 13.50
CA THR A 191 -5.10 13.60 12.29
C THR A 191 -4.80 12.10 12.21
N VAL A 192 -4.59 11.47 13.33
CA VAL A 192 -4.43 10.04 13.37
C VAL A 192 -5.79 9.30 13.21
N TYR A 193 -6.67 9.57 14.17
CA TYR A 193 -8.02 9.00 14.22
C TYR A 193 -8.76 9.02 12.87
N CYS A 194 -8.71 10.15 12.15
CA CYS A 194 -9.65 10.36 11.02
C CYS A 194 -9.57 9.36 9.91
N VAL A 195 -8.40 8.79 9.77
CA VAL A 195 -8.10 7.91 8.69
C VAL A 195 -7.47 6.61 9.21
N GLU A 196 -7.50 6.32 10.52
CA GLU A 196 -6.99 5.04 11.04
C GLU A 196 -7.89 4.32 12.03
N SER A 197 -8.86 5.00 12.64
CA SER A 197 -9.74 4.38 13.60
C SER A 197 -10.89 3.65 12.94
N ASP A 198 -11.41 2.66 13.66
CA ASP A 198 -12.51 1.84 13.19
C ASP A 198 -13.80 2.34 13.81
N ILE A 199 -13.71 3.46 14.50
CA ILE A 199 -14.88 4.01 15.13
C ILE A 199 -15.76 4.88 14.21
N PRO A 200 -15.21 5.95 13.61
CA PRO A 200 -16.04 6.81 12.75
C PRO A 200 -16.70 6.12 11.61
N VAL A 201 -17.86 6.62 11.26
CA VAL A 201 -18.49 6.31 10.03
C VAL A 201 -18.09 7.30 8.91
N ARG A 202 -17.52 6.74 7.84
CA ARG A 202 -17.14 7.54 6.68
C ARG A 202 -18.16 7.34 5.53
N ILE A 203 -18.82 8.44 5.15
CA ILE A 203 -19.94 8.49 4.23
C ILE A 203 -19.50 9.14 2.87
N LEU A 204 -20.07 8.69 1.75
CA LEU A 204 -19.81 9.26 0.39
C LEU A 204 -20.39 10.58 0.32
N PHE A 205 -19.55 11.57 -0.06
CA PHE A 205 -19.97 12.96 0.06
C PHE A 205 -21.10 13.13 -0.92
N ASP A 206 -22.19 13.66 -0.36
CA ASP A 206 -23.44 13.97 -1.06
C ASP A 206 -24.11 15.17 -0.38
N PRO A 207 -24.54 16.18 -1.14
CA PRO A 207 -24.93 17.44 -0.50
C PRO A 207 -26.09 17.32 0.47
N VAL A 208 -27.11 16.57 0.12
CA VAL A 208 -28.29 16.53 0.88
C VAL A 208 -28.00 15.87 2.25
N VAL A 209 -27.11 14.88 2.27
CA VAL A 209 -26.93 14.08 3.48
C VAL A 209 -26.04 14.82 4.46
N ALA A 210 -25.00 15.48 3.94
CA ALA A 210 -24.28 16.43 4.81
C ALA A 210 -25.26 17.42 5.39
N PHE A 211 -26.28 17.89 4.66
CA PHE A 211 -27.15 18.94 5.22
C PHE A 211 -28.01 18.34 6.31
N ARG A 212 -28.30 17.06 6.19
CA ARG A 212 -29.07 16.34 7.21
C ARG A 212 -28.30 15.82 8.44
N MET A 213 -26.97 15.94 8.45
CA MET A 213 -26.13 15.44 9.52
C MET A 213 -25.86 16.44 10.62
N PRO A 214 -26.27 16.12 11.86
CA PRO A 214 -25.91 17.04 12.97
C PRO A 214 -24.42 16.86 13.38
N TYR A 215 -23.91 17.73 14.25
CA TYR A 215 -22.55 17.65 14.74
C TYR A 215 -22.27 18.32 16.10
N ARG A 216 -21.18 17.88 16.74
CA ARG A 216 -20.71 18.42 18.01
C ARG A 216 -19.31 18.95 17.77
N ILE A 217 -19.08 20.19 18.18
CA ILE A 217 -17.80 20.86 18.12
C ILE A 217 -16.71 20.13 18.93
N ASP A 218 -16.85 20.08 20.23
CA ASP A 218 -15.76 19.58 21.09
C ASP A 218 -15.81 18.07 21.32
N GLN A 219 -15.18 17.32 20.43
CA GLN A 219 -15.21 15.85 20.46
C GLN A 219 -14.60 15.39 19.15
N LEU A 220 -13.99 14.22 19.14
CA LEU A 220 -13.47 13.64 17.92
C LEU A 220 -14.66 13.19 17.08
N GLN A 221 -14.68 13.60 15.82
CA GLN A 221 -15.86 13.47 14.98
C GLN A 221 -16.25 11.98 14.72
N PRO A 222 -17.55 11.63 14.87
CA PRO A 222 -18.00 10.26 14.70
C PRO A 222 -18.48 9.95 13.29
N VAL A 223 -18.50 11.00 12.46
CA VAL A 223 -18.88 10.91 11.07
C VAL A 223 -17.97 11.82 10.25
N TYR A 224 -17.33 11.31 9.20
CA TYR A 224 -16.72 12.13 8.23
C TYR A 224 -17.34 11.88 6.86
N PHE A 225 -17.38 12.95 6.03
CA PHE A 225 -17.81 12.87 4.61
C PHE A 225 -16.64 12.83 3.59
N VAL A 226 -16.68 11.87 2.66
CA VAL A 226 -15.61 11.57 1.73
C VAL A 226 -15.84 11.98 0.28
N ILE A 227 -14.90 12.73 -0.21
CA ILE A 227 -14.97 13.36 -1.55
C ILE A 227 -13.99 12.53 -2.41
N ASP A 228 -14.15 12.47 -3.72
CA ASP A 228 -13.16 11.80 -4.58
C ASP A 228 -12.43 12.80 -5.46
N SER A 229 -12.66 14.07 -5.23
CA SER A 229 -12.03 15.15 -5.95
C SER A 229 -12.63 16.44 -5.43
N TYR A 230 -11.78 17.45 -5.28
CA TYR A 230 -12.23 18.81 -4.97
C TYR A 230 -13.24 19.36 -5.97
N GLN A 231 -13.16 18.88 -7.19
CA GLN A 231 -14.26 19.09 -8.18
C GLN A 231 -15.65 18.74 -7.63
N ASN A 232 -15.75 17.81 -6.67
CA ASN A 232 -17.11 17.47 -6.08
C ASN A 232 -17.68 18.67 -5.35
N LEU A 233 -16.81 19.34 -4.60
CA LEU A 233 -17.19 20.55 -3.83
C LEU A 233 -17.47 21.71 -4.77
N TYR A 234 -16.65 21.83 -5.82
CA TYR A 234 -16.90 22.84 -6.85
C TYR A 234 -18.27 22.68 -7.59
N ASP A 235 -18.60 21.47 -8.09
CA ASP A 235 -19.91 21.31 -8.73
C ASP A 235 -21.03 21.62 -7.77
N PHE A 236 -20.86 21.29 -6.50
CA PHE A 236 -21.88 21.49 -5.52
C PHE A 236 -22.26 22.97 -5.41
N VAL A 237 -21.29 23.85 -5.40
CA VAL A 237 -21.61 25.27 -5.12
C VAL A 237 -21.91 26.04 -6.38
N LEU A 238 -21.55 25.49 -7.55
CA LEU A 238 -21.97 26.01 -8.87
C LEU A 238 -23.35 25.47 -9.25
N SER A 239 -23.95 24.72 -8.32
CA SER A 239 -25.30 24.16 -8.42
C SER A 239 -26.05 24.91 -7.34
N ASP A 240 -27.34 24.98 -7.39
CA ASP A 240 -28.10 25.86 -6.45
C ASP A 240 -28.28 25.12 -5.17
N MET A 241 -27.45 25.48 -4.19
CA MET A 241 -27.71 25.20 -2.79
C MET A 241 -29.14 25.76 -2.59
N GLY A 242 -29.72 25.81 -1.45
CA GLY A 242 -31.12 26.32 -1.48
C GLY A 242 -32.00 25.11 -1.72
N LYS A 243 -31.90 24.57 -2.91
CA LYS A 243 -32.61 23.36 -3.28
C LYS A 243 -32.13 22.15 -2.51
N PHE A 244 -30.81 21.96 -2.41
CA PHE A 244 -30.27 20.87 -1.56
C PHE A 244 -30.65 21.04 -0.11
N MET A 245 -30.60 22.29 0.35
CA MET A 245 -30.97 22.65 1.72
C MET A 245 -32.45 22.35 2.04
N ASP A 246 -33.39 22.90 1.27
CA ASP A 246 -34.78 22.44 1.33
C ASP A 246 -34.56 21.11 0.71
N ARG A 247 -35.37 20.15 1.05
CA ARG A 247 -35.04 18.75 0.69
C ARG A 247 -34.36 18.14 1.86
N ALA A 248 -33.22 18.67 2.20
CA ALA A 248 -32.61 18.26 3.41
C ALA A 248 -33.65 18.48 4.54
N ARG A 249 -34.30 19.64 4.54
CA ARG A 249 -35.36 19.92 5.53
C ARG A 249 -36.63 19.10 5.34
N GLU A 250 -37.06 18.84 4.11
N GLU A 250 -37.06 18.85 4.10
CA GLU A 250 -38.28 18.01 4.01
CA GLU A 250 -38.29 18.02 3.90
C GLU A 250 -38.06 16.57 4.41
C GLU A 250 -38.08 16.57 4.36
N LEU A 251 -36.97 15.93 4.02
CA LEU A 251 -36.55 14.69 4.70
C LEU A 251 -36.10 15.16 6.10
N GLY A 252 -36.12 14.38 7.13
CA GLY A 252 -35.72 14.95 8.43
C GLY A 252 -34.23 14.95 8.77
N GLU A 253 -33.82 15.86 9.67
CA GLU A 253 -32.50 15.77 10.29
C GLU A 253 -32.31 14.32 10.77
N LEU A 254 -31.14 13.76 10.55
CA LEU A 254 -30.83 12.43 10.99
C LEU A 254 -30.57 12.41 12.51
N PRO A 255 -30.69 11.24 13.16
CA PRO A 255 -30.26 11.08 14.55
C PRO A 255 -28.77 11.01 14.74
N PRO A 256 -28.22 11.67 15.79
CA PRO A 256 -26.78 11.82 16.01
C PRO A 256 -26.15 10.46 16.25
N TYR A 257 -24.87 10.26 15.89
CA TYR A 257 -24.17 9.04 16.31
C TYR A 257 -23.50 9.28 17.66
N PHE A 258 -23.00 10.49 17.88
CA PHE A 258 -22.54 10.94 19.20
C PHE A 258 -23.68 11.12 20.22
N ASP A 259 -23.30 11.51 21.44
CA ASP A 259 -24.18 12.21 22.40
C ASP A 259 -23.41 13.21 23.25
N VAL B 8 35.02 27.19 -5.50
CA VAL B 8 35.90 27.48 -4.34
C VAL B 8 35.14 27.96 -3.12
N ALA B 9 35.70 27.62 -1.99
CA ALA B 9 34.99 27.66 -0.71
C ALA B 9 35.26 28.96 0.08
N HIS B 10 34.28 29.32 0.91
CA HIS B 10 34.42 30.46 1.81
C HIS B 10 35.10 30.08 3.09
N VAL B 11 35.83 31.03 3.65
CA VAL B 11 36.40 30.76 4.96
C VAL B 11 35.50 31.39 6.01
N PRO B 12 35.10 30.58 7.01
CA PRO B 12 34.22 31.04 8.04
C PRO B 12 34.85 32.03 9.03
N ASP B 13 34.01 32.77 9.74
CA ASP B 13 34.49 33.89 10.54
C ASP B 13 34.97 33.36 11.88
N ALA B 14 35.24 34.28 12.82
CA ALA B 14 35.69 33.86 14.17
C ALA B 14 34.76 32.75 14.68
N GLN B 15 33.47 33.03 14.57
CA GLN B 15 32.42 32.26 15.25
C GLN B 15 31.65 31.30 14.33
N GLY B 16 32.31 30.86 13.26
CA GLY B 16 31.73 29.86 12.37
C GLY B 16 30.81 30.29 11.22
N LEU B 17 30.23 31.49 11.31
CA LEU B 17 29.23 32.02 10.43
C LEU B 17 29.83 32.35 9.01
N VAL B 18 29.01 32.32 7.96
CA VAL B 18 29.54 32.37 6.61
C VAL B 18 28.76 33.33 5.76
N ASP B 19 29.45 34.15 5.03
CA ASP B 19 28.83 35.30 4.32
C ASP B 19 28.30 34.91 2.96
N TYR B 20 27.31 34.00 2.85
CA TYR B 20 26.74 33.52 1.57
C TYR B 20 25.91 34.61 0.91
N SER B 21 26.23 34.87 -0.35
CA SER B 21 25.50 35.80 -1.16
C SER B 21 24.48 35.08 -2.01
N ALA B 22 23.21 35.26 -1.58
CA ALA B 22 21.85 35.34 -2.36
C ALA B 22 21.60 34.38 -3.49
N GLN B 23 22.51 34.39 -4.43
CA GLN B 23 22.44 33.52 -5.56
C GLN B 23 22.78 32.14 -5.09
N GLU B 24 23.83 32.05 -4.25
CA GLU B 24 24.20 30.79 -3.61
C GLU B 24 23.01 30.20 -2.90
N ASN B 25 22.37 31.01 -2.11
CA ASN B 25 21.10 30.69 -1.45
C ASN B 25 19.90 30.25 -2.35
N ARG B 26 19.73 30.84 -3.56
CA ARG B 26 18.66 30.46 -4.48
C ARG B 26 18.80 29.02 -4.98
N ILE B 27 20.02 28.70 -5.41
CA ILE B 27 20.43 27.33 -5.76
C ILE B 27 20.21 26.35 -4.58
N TRP B 28 20.68 26.72 -3.38
CA TRP B 28 20.31 25.83 -2.28
C TRP B 28 18.82 25.67 -2.35
N ASN B 29 18.10 26.79 -2.36
CA ASN B 29 16.69 26.74 -2.45
C ASN B 29 16.13 25.84 -3.54
N ILE B 30 16.57 25.96 -4.82
CA ILE B 30 15.98 25.21 -5.86
C ILE B 30 16.31 23.75 -5.61
N LEU B 31 17.51 23.43 -5.11
CA LEU B 31 17.86 22.04 -4.81
C LEU B 31 16.99 21.51 -3.69
N PHE B 32 16.81 22.33 -2.67
CA PHE B 32 16.03 21.87 -1.52
C PHE B 32 14.56 21.63 -1.89
N GLU B 33 13.94 22.67 -2.41
CA GLU B 33 12.55 22.61 -2.86
C GLU B 33 12.18 21.38 -3.72
N ARG B 34 13.05 20.93 -4.60
CA ARG B 34 12.68 19.88 -5.49
C ARG B 34 12.96 18.46 -4.92
N GLN B 35 14.02 18.33 -4.13
CA GLN B 35 14.22 17.10 -3.41
C GLN B 35 13.11 16.89 -2.38
N LEU B 36 12.78 17.93 -1.62
CA LEU B 36 11.74 17.75 -0.62
C LEU B 36 10.53 17.04 -1.15
N LYS B 37 10.08 17.43 -2.35
CA LYS B 37 8.81 16.88 -2.93
C LYS B 37 8.89 15.39 -3.06
N LEU B 38 10.03 14.87 -3.49
CA LEU B 38 10.15 13.44 -3.88
C LEU B 38 10.35 12.46 -2.72
N LEU B 39 10.65 12.97 -1.54
CA LEU B 39 11.07 12.16 -0.41
C LEU B 39 10.05 11.24 0.17
N PRO B 40 8.78 11.68 0.27
CA PRO B 40 7.72 10.98 0.98
C PRO B 40 7.60 9.46 0.82
N GLY B 41 7.56 8.95 -0.39
CA GLY B 41 7.50 7.46 -0.54
C GLY B 41 8.86 6.73 -0.73
N ARG B 42 9.95 7.47 -0.52
CA ARG B 42 11.24 7.02 -0.97
C ARG B 42 12.30 7.00 0.15
N ALA B 43 12.47 8.08 0.90
CA ALA B 43 13.50 8.10 1.96
C ALA B 43 12.98 7.31 3.11
N CYS B 44 13.90 6.79 3.89
CA CYS B 44 13.58 6.02 5.07
C CYS B 44 13.10 6.96 6.16
N ASP B 45 12.29 6.44 7.09
CA ASP B 45 11.77 7.28 8.18
C ASP B 45 12.91 8.07 8.89
N GLU B 46 14.08 7.42 9.10
CA GLU B 46 15.14 8.03 9.90
C GLU B 46 15.67 9.26 9.22
N PHE B 47 15.80 9.19 7.90
CA PHE B 47 16.17 10.35 7.11
C PHE B 47 15.15 11.41 7.25
N LEU B 48 13.89 11.04 7.09
CA LEU B 48 12.80 12.05 7.30
C LEU B 48 12.99 12.88 8.59
N SER B 49 13.08 12.17 9.72
CA SER B 49 13.19 12.89 10.95
C SER B 49 14.54 13.56 11.23
N GLY B 50 15.67 13.03 10.68
CA GLY B 50 17.02 13.65 10.78
C GLY B 50 16.99 15.06 10.21
N LEU B 51 16.40 15.18 9.01
CA LEU B 51 16.06 16.48 8.33
C LEU B 51 15.32 17.48 9.16
N GLN B 52 14.36 16.99 9.88
CA GLN B 52 13.58 17.88 10.78
C GLN B 52 14.50 18.25 11.98
N THR B 53 15.08 17.22 12.61
CA THR B 53 15.92 17.40 13.77
C THR B 53 16.98 18.41 13.43
N LEU B 54 17.49 18.34 12.22
CA LEU B 54 18.66 19.18 11.90
C LEU B 54 18.32 20.62 11.54
N GLY B 55 17.02 20.96 11.43
CA GLY B 55 16.65 22.36 11.23
C GLY B 55 16.98 22.90 9.81
N LEU B 56 16.91 22.03 8.80
CA LEU B 56 17.27 22.47 7.45
C LEU B 56 16.15 23.29 6.72
N ASN B 57 16.39 24.58 6.63
CA ASN B 57 15.49 25.59 5.98
C ASN B 57 15.58 25.43 4.42
N SER B 58 14.48 25.63 3.72
CA SER B 58 14.42 25.55 2.26
C SER B 58 14.54 26.93 1.72
N SER B 59 15.54 27.68 2.14
CA SER B 59 15.52 29.12 1.99
C SER B 59 16.91 29.74 1.94
N THR B 60 17.75 29.35 2.91
CA THR B 60 19.16 29.71 2.94
C THR B 60 20.01 28.46 3.13
N ILE B 61 21.30 28.57 2.79
CA ILE B 61 22.27 27.58 3.18
C ILE B 61 22.45 27.65 4.70
N PRO B 62 22.36 26.54 5.41
CA PRO B 62 22.61 26.59 6.85
C PRO B 62 23.97 27.19 7.33
N GLN B 63 24.02 27.59 8.59
CA GLN B 63 25.23 27.85 9.28
C GLN B 63 25.60 26.59 10.08
N LEU B 64 26.87 26.17 10.01
CA LEU B 64 27.34 24.91 10.64
C LEU B 64 27.18 24.84 12.13
N PRO B 65 27.48 25.93 12.86
CA PRO B 65 27.35 25.79 14.34
C PRO B 65 26.00 25.23 14.75
N GLU B 66 24.89 25.88 14.36
CA GLU B 66 23.53 25.46 14.69
C GLU B 66 23.30 24.01 14.32
N VAL B 67 23.74 23.62 13.12
CA VAL B 67 23.48 22.30 12.59
C VAL B 67 24.24 21.34 13.45
N SER B 68 25.49 21.69 13.75
CA SER B 68 26.33 20.86 14.58
C SER B 68 25.71 20.61 15.95
N GLU B 69 25.50 21.71 16.66
CA GLU B 69 24.82 21.69 17.93
C GLU B 69 23.62 20.72 17.95
N ARG B 70 22.88 20.66 16.85
CA ARG B 70 21.74 19.76 16.77
C ARG B 70 22.09 18.31 16.53
N LEU B 71 23.07 18.06 15.68
CA LEU B 71 23.60 16.71 15.45
C LEU B 71 24.12 16.16 16.78
N LYS B 72 25.02 16.94 17.41
CA LYS B 72 25.75 16.53 18.60
C LYS B 72 24.85 16.09 19.70
N ALA B 73 23.73 16.79 19.87
CA ALA B 73 22.77 16.45 20.91
C ALA B 73 22.00 15.13 20.63
N LYS B 74 21.90 14.70 19.39
CA LYS B 74 21.35 13.37 19.05
C LYS B 74 22.41 12.18 19.13
N THR B 75 23.67 12.40 18.75
CA THR B 75 24.65 11.26 18.68
C THR B 75 26.14 11.61 18.84
N GLY B 76 26.47 12.80 19.34
CA GLY B 76 27.83 13.19 19.52
C GLY B 76 28.55 13.63 18.29
N TRP B 77 27.91 13.57 17.17
CA TRP B 77 28.53 14.03 15.90
C TRP B 77 28.50 15.48 15.75
N GLN B 78 29.39 16.01 14.92
CA GLN B 78 29.40 17.44 14.62
C GLN B 78 29.67 17.58 13.16
N VAL B 79 29.68 18.83 12.66
CA VAL B 79 30.07 19.11 11.30
C VAL B 79 31.27 20.04 11.32
N ALA B 80 32.25 19.77 10.44
CA ALA B 80 33.43 20.64 10.34
C ALA B 80 33.49 21.19 8.94
N PRO B 81 33.75 22.51 8.87
CA PRO B 81 33.89 23.16 7.60
C PRO B 81 35.20 22.67 6.98
N VAL B 82 35.20 22.30 5.71
CA VAL B 82 36.46 22.00 5.05
C VAL B 82 36.54 22.68 3.69
N ALA B 83 37.73 22.69 3.08
CA ALA B 83 37.94 23.24 1.71
C ALA B 83 37.30 22.35 0.67
N ALA B 84 37.43 22.80 -0.55
CA ALA B 84 36.72 22.22 -1.65
C ALA B 84 37.14 20.80 -2.03
N LEU B 85 38.36 20.37 -1.81
CA LEU B 85 38.72 19.05 -2.38
C LEU B 85 39.55 18.22 -1.43
N ILE B 86 38.93 17.58 -0.48
CA ILE B 86 39.68 16.91 0.53
C ILE B 86 39.99 15.48 0.11
N SER B 87 40.98 14.88 0.79
CA SER B 87 41.54 13.62 0.38
C SER B 87 40.79 12.43 1.06
N ALA B 88 40.94 11.19 0.56
CA ALA B 88 40.30 10.04 1.20
C ALA B 88 40.70 9.99 2.65
N ARG B 89 42.00 10.09 2.90
CA ARG B 89 42.55 10.13 4.26
C ARG B 89 41.89 11.26 5.11
N GLU B 90 41.77 12.47 4.58
CA GLU B 90 41.27 13.58 5.43
C GLU B 90 39.81 13.39 5.81
N PHE B 91 39.02 12.91 4.87
CA PHE B 91 37.64 12.43 5.11
C PHE B 91 37.56 11.42 6.22
N PHE B 92 38.31 10.33 6.12
CA PHE B 92 38.21 9.28 7.15
C PHE B 92 38.77 9.71 8.51
N GLU B 93 39.79 10.55 8.53
CA GLU B 93 40.32 11.06 9.81
C GLU B 93 39.32 11.88 10.48
N LEU B 94 38.53 12.64 9.73
CA LEU B 94 37.41 13.43 10.34
C LEU B 94 36.21 12.59 10.90
N LEU B 95 35.68 11.66 10.10
CA LEU B 95 34.67 10.76 10.56
C LEU B 95 35.14 10.02 11.80
N ALA B 96 36.41 9.65 11.83
CA ALA B 96 37.03 8.98 12.96
C ALA B 96 36.95 9.76 14.31
N GLU B 97 37.08 11.09 14.29
CA GLU B 97 36.91 11.94 15.48
C GLU B 97 35.44 12.43 15.60
N LYS B 98 34.48 11.75 14.95
CA LYS B 98 33.02 12.13 14.93
C LYS B 98 32.62 13.47 14.29
N TYR B 99 33.42 13.99 13.36
CA TYR B 99 33.10 15.20 12.60
C TYR B 99 32.72 14.85 11.16
N PHE B 100 31.54 15.26 10.66
CA PHE B 100 31.21 15.16 9.20
C PHE B 100 31.62 16.40 8.45
N PRO B 101 32.43 16.23 7.38
CA PRO B 101 33.04 17.38 6.67
C PRO B 101 32.04 18.04 5.79
N ALA B 102 31.93 19.36 5.91
CA ALA B 102 31.06 20.12 5.02
C ALA B 102 31.90 21.15 4.33
N ALA B 103 31.98 21.02 3.02
CA ALA B 103 32.72 22.06 2.23
C ALA B 103 31.74 23.23 1.99
N THR B 104 32.24 24.42 2.22
CA THR B 104 31.47 25.65 2.27
C THR B 104 31.42 26.30 0.88
N PHE B 105 30.94 25.51 -0.09
CA PHE B 105 30.51 26.03 -1.36
C PHE B 105 29.32 25.22 -1.80
N ILE B 106 28.59 25.74 -2.79
CA ILE B 106 27.47 25.04 -3.37
C ILE B 106 27.71 24.93 -4.85
N ARG B 107 27.22 23.87 -5.47
CA ARG B 107 27.31 23.72 -6.92
C ARG B 107 26.78 24.96 -7.64
N SER B 108 27.22 25.13 -8.88
CA SER B 108 26.75 26.26 -9.71
C SER B 108 25.44 25.97 -10.42
N GLU B 109 24.77 27.05 -10.83
CA GLU B 109 23.58 26.99 -11.69
C GLU B 109 23.69 25.90 -12.77
N GLU B 110 24.77 25.94 -13.54
CA GLU B 110 24.97 24.95 -14.59
C GLU B 110 25.15 23.51 -14.09
N GLU B 111 25.77 23.38 -12.90
CA GLU B 111 25.98 22.06 -12.36
C GLU B 111 24.91 21.71 -11.34
N LEU B 112 23.65 21.69 -11.75
CA LEU B 112 22.52 21.46 -10.85
C LEU B 112 22.20 19.97 -10.70
N ASP B 113 22.07 19.28 -11.81
CA ASP B 113 21.47 17.96 -11.80
C ASP B 113 22.42 16.86 -11.37
N TYR B 114 23.55 16.76 -12.11
CA TYR B 114 24.67 15.84 -11.78
C TYR B 114 25.92 16.65 -11.43
N VAL B 115 26.71 16.15 -10.47
CA VAL B 115 27.90 16.87 -10.00
C VAL B 115 28.90 15.95 -9.27
N GLN B 116 30.11 15.83 -9.82
CA GLN B 116 31.13 14.90 -9.29
C GLN B 116 31.83 15.38 -8.02
N GLU B 117 31.93 16.70 -7.84
CA GLU B 117 32.58 17.32 -6.66
C GLU B 117 31.53 17.66 -5.55
N PRO B 118 31.44 16.86 -4.47
CA PRO B 118 30.40 17.01 -3.45
C PRO B 118 30.38 18.35 -2.71
N ASP B 119 29.20 18.94 -2.65
CA ASP B 119 29.06 20.27 -2.10
C ASP B 119 28.28 20.27 -0.79
N ILE B 120 28.04 21.47 -0.23
CA ILE B 120 27.23 21.63 1.02
C ILE B 120 25.77 21.06 0.94
N PHE B 121 25.15 21.02 -0.25
CA PHE B 121 23.92 20.27 -0.42
C PHE B 121 24.11 18.74 -0.26
N HIS B 122 24.97 18.13 -1.08
CA HIS B 122 25.35 16.72 -0.94
C HIS B 122 25.52 16.37 0.52
N GLU B 123 26.22 17.23 1.28
CA GLU B 123 26.63 16.91 2.65
C GLU B 123 25.50 17.08 3.60
N LEU B 124 25.09 18.33 3.84
CA LEU B 124 24.19 18.64 4.90
C LEU B 124 22.82 18.09 4.56
N PHE B 125 22.45 18.02 3.28
CA PHE B 125 21.09 17.46 3.00
C PHE B 125 21.10 15.94 2.85
N GLY B 126 22.08 15.39 2.12
CA GLY B 126 22.06 13.97 1.83
C GLY B 126 22.59 13.07 2.92
N HIS B 127 23.64 13.51 3.61
CA HIS B 127 24.36 12.62 4.54
C HIS B 127 24.09 12.85 6.01
N CYS B 128 24.30 14.06 6.51
CA CYS B 128 24.05 14.40 7.91
C CYS B 128 22.75 13.92 8.49
N PRO B 129 21.63 14.02 7.77
CA PRO B 129 20.42 13.64 8.48
C PRO B 129 20.39 12.21 9.04
N MET B 130 21.06 11.26 8.35
CA MET B 130 21.04 9.83 8.83
C MET B 130 21.97 9.69 10.01
N LEU B 131 22.86 10.68 10.22
CA LEU B 131 23.81 10.66 11.36
C LEU B 131 23.09 10.96 12.65
N THR B 132 21.85 11.41 12.56
CA THR B 132 21.06 11.58 13.77
C THR B 132 20.48 10.21 14.32
N ASP B 133 20.63 9.07 13.59
CA ASP B 133 20.12 7.80 14.07
C ASP B 133 21.26 7.05 14.71
N ARG B 134 21.07 6.55 15.93
CA ARG B 134 22.18 6.18 16.79
C ARG B 134 22.99 5.04 16.34
N VAL B 135 22.33 4.02 15.81
CA VAL B 135 23.01 2.85 15.41
C VAL B 135 23.74 3.25 14.09
N TYR B 136 23.08 3.99 13.21
CA TYR B 136 23.77 4.44 12.04
C TYR B 136 24.99 5.30 12.38
N ALA B 137 24.85 6.26 13.30
CA ALA B 137 25.95 7.17 13.54
C ALA B 137 27.14 6.39 14.09
N GLU B 138 26.85 5.38 14.89
CA GLU B 138 27.88 4.55 15.50
C GLU B 138 28.55 3.65 14.49
N PHE B 139 27.80 3.25 13.44
CA PHE B 139 28.36 2.39 12.38
C PHE B 139 29.27 3.21 11.53
N VAL B 140 28.85 4.43 11.22
CA VAL B 140 29.69 5.25 10.40
C VAL B 140 31.03 5.54 11.10
N HIS B 141 30.98 5.86 12.35
CA HIS B 141 32.18 6.19 13.12
C HIS B 141 33.11 5.00 13.29
N ASP B 142 32.57 3.85 13.68
CA ASP B 142 33.35 2.69 13.80
C ASP B 142 33.96 2.35 12.44
N TYR B 143 33.17 2.45 11.39
CA TYR B 143 33.67 2.17 10.08
C TYR B 143 34.89 3.05 9.77
N ALA B 144 34.75 4.37 9.88
CA ALA B 144 35.92 5.28 9.71
C ALA B 144 37.16 4.83 10.49
N CYS B 145 36.96 4.68 11.80
CA CYS B 145 38.00 4.21 12.72
C CYS B 145 38.75 2.98 12.22
N LYS B 146 38.01 1.94 11.90
CA LYS B 146 38.61 0.74 11.36
C LYS B 146 39.25 0.93 10.00
N VAL B 147 38.88 1.88 9.15
CA VAL B 147 39.70 2.10 7.95
C VAL B 147 41.15 2.51 8.30
N LEU B 148 41.51 2.69 9.59
CA LEU B 148 42.92 2.25 10.06
C LEU B 148 43.15 1.07 11.09
N THR B 149 44.25 0.41 10.79
CA THR B 149 44.35 -0.98 11.02
C THR B 149 44.39 -1.43 9.63
N PHE B 150 43.92 -0.58 8.70
CA PHE B 150 44.03 -0.94 7.31
C PHE B 150 44.96 -0.08 6.55
N PRO B 151 45.88 -0.75 5.80
CA PRO B 151 46.79 -0.09 4.88
C PRO B 151 46.09 0.36 3.63
N GLU B 152 46.52 1.53 3.10
CA GLU B 152 46.12 2.10 1.78
C GLU B 152 45.83 1.09 0.68
N GLN B 153 46.52 -0.02 0.62
CA GLN B 153 46.24 -1.12 -0.38
C GLN B 153 44.82 -1.62 -0.25
N ASP B 154 44.18 -1.42 0.90
CA ASP B 154 42.82 -2.01 1.20
C ASP B 154 41.72 -1.03 1.19
N TRP B 155 42.05 0.24 1.09
CA TRP B 155 40.98 1.28 0.98
C TRP B 155 40.18 1.25 -0.26
N PRO B 156 40.65 0.60 -1.36
CA PRO B 156 39.71 0.62 -2.51
C PRO B 156 38.51 -0.27 -2.26
N LEU B 157 38.72 -1.42 -1.63
CA LEU B 157 37.62 -2.31 -1.17
C LEU B 157 36.80 -1.70 -0.04
N LEU B 158 37.46 -1.02 0.88
CA LEU B 158 36.75 -0.37 1.99
C LEU B 158 35.94 0.78 1.42
N GLN B 159 36.47 1.44 0.40
CA GLN B 159 35.67 2.51 -0.28
C GLN B 159 34.59 1.97 -1.19
N ARG B 160 34.78 0.77 -1.72
CA ARG B 160 33.63 0.02 -2.38
C ARG B 160 32.44 -0.21 -1.46
N MET B 161 32.71 -0.81 -0.32
CA MET B 161 31.70 -1.05 0.72
C MET B 161 31.00 0.22 1.19
N PHE B 162 31.74 1.31 1.37
CA PHE B 162 31.20 2.56 1.81
C PHE B 162 30.24 3.14 0.75
N TRP B 163 30.61 2.97 -0.53
CA TRP B 163 29.72 3.32 -1.68
C TRP B 163 28.43 2.59 -1.67
N PHE B 164 28.45 1.31 -1.39
CA PHE B 164 27.17 0.50 -1.38
C PHE B 164 26.38 0.54 -0.08
N THR B 165 26.85 1.29 0.89
CA THR B 165 26.08 1.50 2.13
C THR B 165 25.79 2.98 2.37
N VAL B 166 26.78 3.70 2.92
CA VAL B 166 26.58 5.12 3.24
C VAL B 166 26.06 5.87 2.04
N GLU B 167 26.54 5.62 0.84
CA GLU B 167 26.10 6.44 -0.32
C GLU B 167 24.88 5.99 -1.05
N PHE B 168 24.79 4.68 -1.33
CA PHE B 168 23.77 4.16 -2.23
C PHE B 168 22.96 3.02 -1.72
N GLY B 169 22.91 2.83 -0.43
CA GLY B 169 22.19 1.75 0.11
C GLY B 169 20.66 1.99 0.27
N LEU B 170 19.94 0.85 0.22
CA LEU B 170 18.49 0.79 0.31
C LEU B 170 18.18 -0.03 1.60
N ILE B 171 16.98 0.14 2.13
CA ILE B 171 16.59 -0.61 3.31
C ILE B 171 15.18 -1.13 3.01
N LYS B 172 14.98 -2.44 3.08
CA LYS B 172 13.63 -3.01 2.90
C LYS B 172 12.95 -2.92 4.29
N THR B 173 11.93 -2.06 4.41
CA THR B 173 11.17 -1.84 5.66
C THR B 173 9.82 -2.58 5.63
N PRO B 174 9.08 -2.56 6.75
CA PRO B 174 7.76 -3.18 6.67
C PRO B 174 6.76 -2.46 5.79
N LYS B 175 6.97 -1.16 5.57
CA LYS B 175 6.18 -0.40 4.59
C LYS B 175 6.82 -0.36 3.20
N GLY B 176 7.93 -1.09 3.01
CA GLY B 176 8.52 -1.23 1.69
C GLY B 176 9.96 -0.81 1.57
N LEU B 177 10.45 -0.87 0.35
CA LEU B 177 11.78 -0.47 0.00
C LEU B 177 11.92 1.04 0.16
N ARG B 178 13.01 1.48 0.79
CA ARG B 178 13.32 2.92 0.97
C ARG B 178 14.84 3.10 0.85
N ALA B 179 15.27 4.34 0.71
CA ALA B 179 16.66 4.62 0.47
C ALA B 179 17.17 5.24 1.77
N TYR B 180 18.39 4.85 2.22
CA TYR B 180 19.12 5.62 3.22
C TYR B 180 20.33 6.36 2.63
N GLY B 181 20.78 5.95 1.46
CA GLY B 181 22.03 6.41 0.92
C GLY B 181 22.05 7.88 0.62
N GLY B 182 23.08 8.53 1.10
CA GLY B 182 23.20 9.98 1.00
C GLY B 182 23.46 10.37 -0.40
N GLY B 183 24.04 9.47 -1.18
CA GLY B 183 24.24 9.73 -2.56
C GLY B 183 22.93 9.68 -3.32
N ILE B 184 21.95 8.95 -2.82
CA ILE B 184 20.68 8.84 -3.48
C ILE B 184 19.82 10.05 -3.09
N LEU B 185 19.77 10.33 -1.81
CA LEU B 185 18.84 11.29 -1.29
C LEU B 185 19.24 12.72 -1.63
N SER B 186 20.45 12.91 -2.15
CA SER B 186 20.87 14.26 -2.57
C SER B 186 20.68 14.52 -4.08
N SER B 187 20.19 13.54 -4.84
CA SER B 187 20.08 13.58 -6.26
C SER B 187 18.60 13.35 -6.55
N ILE B 188 18.05 14.10 -7.53
CA ILE B 188 16.66 13.97 -7.98
C ILE B 188 16.43 12.75 -8.86
N SER B 189 17.41 12.43 -9.69
CA SER B 189 17.40 11.23 -10.56
C SER B 189 17.45 9.90 -9.79
N GLU B 190 18.55 9.69 -9.05
CA GLU B 190 18.68 8.53 -8.23
C GLU B 190 17.47 8.33 -7.36
N THR B 191 16.99 9.40 -6.68
CA THR B 191 15.87 9.25 -5.67
C THR B 191 14.63 8.54 -6.21
N VAL B 192 14.25 8.82 -7.42
CA VAL B 192 13.08 8.17 -8.03
C VAL B 192 13.40 6.75 -8.50
N TYR B 193 14.37 6.69 -9.38
CA TYR B 193 14.90 5.45 -9.93
C TYR B 193 15.12 4.32 -8.87
N CYS B 194 15.78 4.65 -7.76
CA CYS B 194 16.37 3.61 -6.89
C CYS B 194 15.34 2.64 -6.33
N VAL B 195 14.09 3.07 -6.22
CA VAL B 195 13.00 2.21 -5.75
C VAL B 195 11.82 2.00 -6.74
N GLU B 196 11.88 2.65 -7.91
CA GLU B 196 10.76 2.55 -8.89
C GLU B 196 11.15 1.70 -10.06
N SER B 197 12.39 1.86 -10.49
CA SER B 197 12.76 1.35 -11.79
C SER B 197 12.91 -0.15 -11.73
N ASP B 198 12.70 -0.74 -12.90
CA ASP B 198 12.73 -2.18 -13.04
C ASP B 198 14.09 -2.57 -13.60
N ILE B 199 14.97 -1.58 -13.73
CA ILE B 199 16.28 -1.80 -14.27
C ILE B 199 17.31 -2.34 -13.26
N PRO B 200 17.58 -1.59 -12.15
CA PRO B 200 18.62 -2.06 -11.19
C PRO B 200 18.37 -3.42 -10.62
N VAL B 201 19.47 -4.14 -10.39
CA VAL B 201 19.45 -5.35 -9.55
C VAL B 201 19.63 -4.99 -8.03
N ARG B 202 18.63 -5.33 -7.22
CA ARG B 202 18.68 -5.06 -5.78
C ARG B 202 18.96 -6.35 -5.00
N ILE B 203 20.08 -6.35 -4.29
CA ILE B 203 20.69 -7.57 -3.76
C ILE B 203 20.64 -7.53 -2.22
N LEU B 204 20.48 -8.71 -1.57
CA LEU B 204 20.42 -8.81 -0.11
C LEU B 204 21.75 -8.48 0.43
N PHE B 205 21.81 -7.57 1.39
CA PHE B 205 23.08 -7.12 1.84
C PHE B 205 23.81 -8.28 2.45
N ASP B 206 25.08 -8.43 2.02
CA ASP B 206 26.00 -9.38 2.55
C ASP B 206 27.38 -8.84 2.37
N PRO B 207 28.20 -8.89 3.41
CA PRO B 207 29.50 -8.25 3.31
C PRO B 207 30.39 -8.70 2.17
N VAL B 208 30.48 -10.01 1.92
CA VAL B 208 31.44 -10.50 0.95
C VAL B 208 31.07 -10.02 -0.47
N VAL B 209 29.78 -9.91 -0.74
CA VAL B 209 29.28 -9.73 -2.08
C VAL B 209 29.45 -8.26 -2.42
N ALA B 210 29.13 -7.39 -1.44
CA ALA B 210 29.40 -5.98 -1.66
C ALA B 210 30.88 -5.85 -1.91
N PHE B 211 31.73 -6.63 -1.31
CA PHE B 211 33.21 -6.43 -1.52
C PHE B 211 33.59 -6.86 -2.94
N ARG B 212 32.85 -7.85 -3.48
CA ARG B 212 33.07 -8.38 -4.82
C ARG B 212 32.41 -7.62 -5.94
N MET B 213 31.60 -6.59 -5.62
CA MET B 213 30.90 -5.78 -6.63
C MET B 213 31.67 -4.54 -7.11
N PRO B 214 31.91 -4.41 -8.42
CA PRO B 214 32.56 -3.21 -8.92
C PRO B 214 31.54 -2.10 -9.11
N TYR B 215 31.99 -0.88 -9.38
CA TYR B 215 31.11 0.28 -9.51
C TYR B 215 31.62 1.45 -10.33
N ARG B 216 30.67 2.24 -10.83
CA ARG B 216 30.97 3.38 -11.62
C ARG B 216 30.34 4.56 -10.97
N ILE B 217 31.14 5.60 -10.79
CA ILE B 217 30.74 6.84 -10.19
C ILE B 217 29.66 7.51 -11.05
N ASP B 218 30.01 7.84 -12.30
CA ASP B 218 29.17 8.72 -13.16
C ASP B 218 28.16 7.93 -13.96
N GLN B 219 27.01 7.67 -13.36
CA GLN B 219 25.97 6.84 -13.96
C GLN B 219 24.97 6.46 -12.85
N LEU B 220 23.73 6.24 -13.20
CA LEU B 220 22.73 5.79 -12.26
C LEU B 220 23.04 4.34 -11.96
N GLN B 221 23.06 3.98 -10.66
CA GLN B 221 23.61 2.72 -10.21
C GLN B 221 22.82 1.52 -10.73
N PRO B 222 23.50 0.53 -11.31
CA PRO B 222 22.80 -0.66 -11.83
C PRO B 222 22.60 -1.77 -10.80
N VAL B 223 23.14 -1.56 -9.61
CA VAL B 223 23.10 -2.53 -8.51
C VAL B 223 22.96 -1.76 -7.18
N TYR B 224 21.94 -2.03 -6.40
CA TYR B 224 21.89 -1.54 -5.02
C TYR B 224 21.89 -2.69 -4.06
N PHE B 225 22.54 -2.50 -2.88
CA PHE B 225 22.48 -3.48 -1.79
C PHE B 225 21.38 -3.11 -0.81
N VAL B 226 20.56 -4.13 -0.39
CA VAL B 226 19.46 -3.96 0.57
C VAL B 226 19.63 -4.57 1.99
N ILE B 227 19.45 -3.72 2.94
CA ILE B 227 19.67 -4.01 4.35
C ILE B 227 18.27 -4.16 4.92
N ASP B 228 18.10 -4.94 5.97
CA ASP B 228 16.74 -5.00 6.61
C ASP B 228 16.77 -4.30 7.98
N SER B 229 17.89 -3.69 8.30
CA SER B 229 18.08 -3.01 9.54
C SER B 229 19.49 -2.46 9.53
N TYR B 230 19.61 -1.23 10.02
CA TYR B 230 20.93 -0.66 10.25
C TYR B 230 21.81 -1.53 11.17
N GLN B 231 21.15 -2.27 12.07
CA GLN B 231 21.88 -3.34 12.82
C GLN B 231 22.70 -4.28 11.91
N ASN B 232 22.29 -4.48 10.64
CA ASN B 232 23.08 -5.34 9.72
C ASN B 232 24.48 -4.73 9.48
N LEU B 233 24.53 -3.40 9.32
CA LEU B 233 25.77 -2.67 9.06
C LEU B 233 26.58 -2.64 10.32
N TYR B 234 25.93 -2.45 11.45
CA TYR B 234 26.61 -2.48 12.76
C TYR B 234 27.29 -3.85 13.05
N ASP B 235 26.57 -4.97 12.90
CA ASP B 235 27.15 -6.30 13.09
C ASP B 235 28.31 -6.51 12.15
N PHE B 236 28.22 -5.98 10.94
CA PHE B 236 29.30 -6.11 9.97
C PHE B 236 30.63 -5.46 10.45
N VAL B 237 30.57 -4.27 11.04
CA VAL B 237 31.80 -3.50 11.36
C VAL B 237 32.33 -3.83 12.74
N LEU B 238 31.50 -4.38 13.64
CA LEU B 238 32.00 -5.14 14.77
C LEU B 238 32.37 -6.35 13.92
N SER B 239 32.92 -7.46 14.38
CA SER B 239 33.25 -8.47 13.32
C SER B 239 34.43 -8.12 12.46
N ASP B 240 35.02 -9.14 11.85
CA ASP B 240 36.35 -9.02 11.26
C ASP B 240 36.28 -8.76 9.80
N MET B 241 36.42 -7.48 9.42
CA MET B 241 36.39 -6.98 8.05
C MET B 241 37.55 -7.47 7.17
N GLY B 242 38.75 -7.62 7.70
CA GLY B 242 39.90 -8.18 6.92
C GLY B 242 39.51 -9.53 6.30
N LYS B 243 38.90 -10.35 7.12
CA LYS B 243 38.34 -11.64 6.76
C LYS B 243 37.34 -11.66 5.67
N PHE B 244 36.32 -10.80 5.76
CA PHE B 244 35.38 -10.65 4.62
C PHE B 244 36.08 -10.19 3.36
N MET B 245 37.01 -9.23 3.52
CA MET B 245 37.77 -8.65 2.40
C MET B 245 38.65 -9.67 1.69
N ASP B 246 39.50 -10.39 2.43
CA ASP B 246 40.13 -11.62 1.88
C ASP B 246 38.93 -12.50 1.88
N ARG B 247 38.85 -13.45 0.98
CA ARG B 247 37.58 -14.17 0.75
C ARG B 247 36.90 -13.51 -0.41
N ALA B 248 36.58 -12.24 -0.25
CA ALA B 248 36.06 -11.52 -1.40
C ALA B 248 37.12 -11.64 -2.45
N ARG B 249 38.33 -11.41 -2.04
CA ARG B 249 39.45 -11.49 -2.95
C ARG B 249 39.85 -12.95 -3.38
N GLU B 250 39.60 -13.94 -2.54
CA GLU B 250 39.76 -15.35 -2.94
C GLU B 250 38.78 -15.79 -4.02
N LEU B 251 37.50 -15.60 -3.77
CA LEU B 251 36.49 -15.69 -4.84
C LEU B 251 36.80 -14.48 -5.76
N GLY B 252 36.45 -14.49 -7.03
CA GLY B 252 36.87 -13.32 -7.81
C GLY B 252 35.92 -12.10 -7.78
N GLU B 253 36.46 -10.92 -8.10
CA GLU B 253 35.62 -9.77 -8.44
C GLU B 253 34.57 -10.18 -9.48
N LEU B 254 33.32 -9.75 -9.29
CA LEU B 254 32.23 -10.09 -10.18
C LEU B 254 32.31 -9.23 -11.47
N PRO B 255 31.70 -9.68 -12.57
CA PRO B 255 31.59 -8.87 -13.79
C PRO B 255 30.53 -7.77 -13.69
N PRO B 256 30.79 -6.57 -14.26
CA PRO B 256 30.07 -5.26 -14.02
C PRO B 256 28.58 -4.89 -14.21
N TYR B 257 27.73 -5.68 -14.83
CA TYR B 257 26.39 -5.13 -15.21
C TYR B 257 26.41 -3.80 -15.99
N PHE B 258 26.97 -2.69 -15.49
CA PHE B 258 27.23 -1.50 -16.34
C PHE B 258 28.30 -1.74 -17.41
N ASP B 259 28.55 -0.76 -18.25
CA ASP B 259 29.81 -0.75 -19.03
C ASP B 259 30.05 0.57 -19.76
N TRP C 28 16.07 -44.78 -2.21
CA TRP C 28 15.10 -43.80 -1.63
C TRP C 28 15.40 -43.51 -0.18
N ASN C 29 15.48 -44.57 0.61
CA ASN C 29 15.74 -44.44 2.04
C ASN C 29 16.95 -43.60 2.37
N ILE C 30 18.11 -43.85 1.75
CA ILE C 30 19.30 -43.07 2.10
C ILE C 30 19.10 -41.62 1.64
N LEU C 31 18.46 -41.39 0.48
CA LEU C 31 18.17 -40.01 0.05
C LEU C 31 17.21 -39.32 1.02
N PHE C 32 16.18 -40.04 1.46
CA PHE C 32 15.18 -39.45 2.33
C PHE C 32 15.78 -39.09 3.70
N GLU C 33 16.33 -40.10 4.35
CA GLU C 33 16.97 -39.97 5.65
C GLU C 33 17.97 -38.82 5.78
N ARG C 34 18.74 -38.52 4.73
CA ARG C 34 19.75 -37.47 4.85
C ARG C 34 19.22 -36.06 4.53
N GLN C 35 18.30 -35.97 3.60
CA GLN C 35 17.63 -34.69 3.35
C GLN C 35 16.80 -34.30 4.58
N LEU C 36 16.03 -35.25 5.12
CA LEU C 36 15.19 -34.97 6.29
C LEU C 36 15.95 -34.21 7.36
N LYS C 37 17.17 -34.64 7.66
CA LYS C 37 17.97 -34.05 8.75
C LYS C 37 18.23 -32.56 8.52
N LEU C 38 18.55 -32.18 7.27
CA LEU C 38 19.03 -30.82 6.95
C LEU C 38 17.91 -29.80 6.80
N LEU C 39 16.67 -30.25 6.67
CA LEU C 39 15.51 -29.38 6.38
C LEU C 39 15.15 -28.29 7.43
N PRO C 40 15.23 -28.62 8.74
CA PRO C 40 14.79 -27.75 9.84
C PRO C 40 15.07 -26.24 9.77
N GLY C 41 16.32 -25.83 9.57
CA GLY C 41 16.59 -24.37 9.45
C GLY C 41 16.59 -23.80 8.02
N ARG C 42 16.19 -24.61 7.05
CA ARG C 42 16.43 -24.31 5.66
C ARG C 42 15.17 -24.32 4.78
N ALA C 43 14.35 -25.36 4.83
CA ALA C 43 13.13 -25.40 4.03
C ALA C 43 12.09 -24.49 4.63
N CYS C 44 11.18 -24.01 3.81
CA CYS C 44 10.08 -23.16 4.25
C CYS C 44 9.01 -24.01 4.97
N ASP C 45 8.25 -23.37 5.86
CA ASP C 45 7.22 -24.09 6.64
C ASP C 45 6.26 -24.88 5.75
N GLU C 46 5.89 -24.29 4.62
CA GLU C 46 4.91 -24.92 3.74
C GLU C 46 5.43 -26.22 3.20
N PHE C 47 6.71 -26.24 2.82
CA PHE C 47 7.36 -27.51 2.43
C PHE C 47 7.36 -28.52 3.58
N LEU C 48 7.74 -28.09 4.78
CA LEU C 48 7.68 -28.99 5.93
C LEU C 48 6.33 -29.71 6.00
N SER C 49 5.24 -28.95 6.07
CA SER C 49 3.93 -29.56 6.25
C SER C 49 3.39 -30.34 5.04
N GLY C 50 3.79 -29.92 3.83
CA GLY C 50 3.41 -30.62 2.59
C GLY C 50 3.89 -32.06 2.65
N LEU C 51 5.16 -32.22 3.01
CA LEU C 51 5.81 -33.52 3.27
C LEU C 51 5.03 -34.41 4.22
N GLN C 52 4.53 -33.82 5.27
CA GLN C 52 3.76 -34.57 6.25
C GLN C 52 2.37 -34.90 5.64
N THR C 53 1.69 -33.86 5.14
CA THR C 53 0.40 -34.04 4.48
C THR C 53 0.47 -35.12 3.38
N LEU C 54 1.58 -35.19 2.66
CA LEU C 54 1.65 -36.13 1.54
C LEU C 54 1.97 -37.57 1.95
N GLY C 55 2.28 -37.82 3.22
CA GLY C 55 2.50 -39.19 3.69
C GLY C 55 3.80 -39.84 3.21
N LEU C 56 4.85 -39.05 3.01
CA LEU C 56 6.09 -39.60 2.48
C LEU C 56 6.95 -40.33 3.53
N ASN C 57 6.94 -41.65 3.40
CA ASN C 57 7.68 -42.57 4.26
C ASN C 57 9.21 -42.49 3.95
N SER C 58 10.03 -42.63 4.99
CA SER C 58 11.48 -42.70 4.83
C SER C 58 11.93 -44.15 4.78
N SER C 59 11.33 -44.94 3.89
CA SER C 59 11.46 -46.39 4.00
C SER C 59 11.25 -47.12 2.69
N THR C 60 10.18 -46.76 1.99
CA THR C 60 9.92 -47.25 0.64
C THR C 60 9.69 -46.08 -0.30
N ILE C 61 9.81 -46.34 -1.60
CA ILE C 61 9.35 -45.41 -2.62
C ILE C 61 7.83 -45.43 -2.61
N PRO C 62 7.20 -44.25 -2.52
CA PRO C 62 5.73 -44.25 -2.54
C PRO C 62 5.07 -44.90 -3.77
N GLN C 63 3.79 -45.18 -3.65
CA GLN C 63 2.98 -45.48 -4.80
C GLN C 63 2.22 -44.22 -5.13
N LEU C 64 2.15 -43.88 -6.41
CA LEU C 64 1.52 -42.63 -6.86
C LEU C 64 0.04 -42.48 -6.48
N PRO C 65 -0.78 -43.52 -6.64
CA PRO C 65 -2.20 -43.34 -6.31
C PRO C 65 -2.44 -42.68 -4.93
N GLU C 66 -1.93 -43.30 -3.86
CA GLU C 66 -2.05 -42.79 -2.48
C GLU C 66 -1.55 -41.35 -2.35
N VAL C 67 -0.40 -41.06 -2.95
CA VAL C 67 0.19 -39.75 -2.87
C VAL C 67 -0.73 -38.79 -3.61
N SER C 68 -1.19 -39.19 -4.81
CA SER C 68 -2.14 -38.35 -5.58
C SER C 68 -3.40 -38.02 -4.79
N GLU C 69 -4.09 -39.07 -4.35
CA GLU C 69 -5.28 -38.94 -3.51
C GLU C 69 -5.11 -37.93 -2.38
N ARG C 70 -3.94 -37.89 -1.77
CA ARG C 70 -3.66 -36.91 -0.71
C ARG C 70 -3.45 -35.49 -1.24
N LEU C 71 -2.74 -35.34 -2.37
CA LEU C 71 -2.51 -34.04 -3.02
C LEU C 71 -3.85 -33.45 -3.42
N LYS C 72 -4.62 -34.25 -4.16
CA LYS C 72 -5.93 -33.85 -4.72
C LYS C 72 -6.86 -33.30 -3.68
N ALA C 73 -6.88 -33.91 -2.50
CA ALA C 73 -7.76 -33.49 -1.44
C ALA C 73 -7.36 -32.16 -0.83
N LYS C 74 -6.10 -31.75 -1.00
CA LYS C 74 -5.66 -30.42 -0.56
C LYS C 74 -5.84 -29.28 -1.59
N THR C 75 -5.64 -29.57 -2.88
CA THR C 75 -5.61 -28.51 -3.90
C THR C 75 -6.02 -28.89 -5.32
N GLY C 76 -6.63 -30.06 -5.50
CA GLY C 76 -7.04 -30.50 -6.83
C GLY C 76 -5.93 -31.03 -7.71
N TRP C 77 -4.69 -31.05 -7.22
CA TRP C 77 -3.56 -31.59 -8.00
C TRP C 77 -3.46 -33.08 -7.88
N GLN C 78 -2.85 -33.70 -8.88
CA GLN C 78 -2.60 -35.14 -8.84
C GLN C 78 -1.20 -35.36 -9.37
N VAL C 79 -0.76 -36.61 -9.37
CA VAL C 79 0.53 -37.00 -9.91
C VAL C 79 0.30 -38.02 -11.03
N ALA C 80 1.01 -37.83 -12.14
CA ALA C 80 0.93 -38.75 -13.27
C ALA C 80 2.28 -39.44 -13.39
N PRO C 81 2.28 -40.77 -13.56
CA PRO C 81 3.51 -41.53 -13.73
C PRO C 81 4.12 -41.24 -15.10
N VAL C 82 4.76 -41.20 -15.48
CA VAL C 82 5.36 -40.89 -16.80
C VAL C 82 6.68 -41.61 -17.11
N ALA C 83 6.95 -41.69 -18.41
CA ALA C 83 8.22 -42.26 -18.94
C ALA C 83 9.41 -41.39 -18.55
N ALA C 84 10.63 -40.66 -17.89
CA ALA C 84 12.08 -40.59 -17.97
C ALA C 84 12.48 -39.24 -18.55
N LEU C 85 12.36 -39.08 -19.86
CA LEU C 85 12.60 -37.78 -20.49
C LEU C 85 11.55 -37.41 -21.53
N ILE C 86 10.41 -36.93 -21.06
CA ILE C 86 9.36 -36.32 -21.87
C ILE C 86 9.74 -34.86 -22.18
N SER C 87 8.93 -34.23 -23.03
CA SER C 87 9.30 -33.00 -23.75
C SER C 87 8.83 -31.76 -23.00
N ALA C 88 9.34 -30.58 -23.34
CA ALA C 88 8.92 -29.37 -22.63
C ALA C 88 7.41 -29.25 -22.72
N ARG C 89 6.91 -29.41 -23.93
CA ARG C 89 5.47 -29.36 -24.20
C ARG C 89 4.71 -30.35 -23.34
N GLU C 90 5.18 -31.60 -23.24
CA GLU C 90 4.39 -32.60 -22.47
C GLU C 90 4.32 -32.26 -20.98
N PHE C 91 5.44 -31.82 -20.41
CA PHE C 91 5.53 -31.25 -19.04
C PHE C 91 4.51 -30.14 -18.78
N PHE C 92 4.53 -29.11 -19.63
CA PHE C 92 3.60 -27.97 -19.43
C PHE C 92 2.13 -28.36 -19.68
N GLU C 93 1.87 -29.23 -20.66
CA GLU C 93 0.49 -29.68 -20.91
C GLU C 93 -0.06 -30.40 -19.71
N LEU C 94 0.78 -31.15 -19.01
CA LEU C 94 0.36 -31.84 -17.79
C LEU C 94 0.07 -30.89 -16.63
N LEU C 95 1.01 -30.00 -16.33
CA LEU C 95 0.79 -29.00 -15.28
C LEU C 95 -0.49 -28.24 -15.57
N ALA C 96 -0.74 -27.97 -16.84
CA ALA C 96 -1.96 -27.24 -17.27
C ALA C 96 -3.28 -27.93 -16.90
N GLU C 97 -3.31 -29.26 -16.90
CA GLU C 97 -4.46 -30.04 -16.44
C GLU C 97 -4.35 -30.47 -14.96
N LYS C 98 -3.52 -29.75 -14.18
CA LYS C 98 -3.27 -30.02 -12.74
C LYS C 98 -2.66 -31.38 -12.36
N TYR C 99 -1.91 -31.99 -13.28
CA TYR C 99 -1.16 -33.23 -13.01
C TYR C 99 0.35 -32.92 -12.91
N PHE C 100 1.02 -33.32 -11.82
CA PHE C 100 2.48 -33.25 -11.74
C PHE C 100 3.13 -34.57 -12.18
N PRO C 101 4.01 -34.52 -13.18
CA PRO C 101 4.62 -35.74 -13.72
C PRO C 101 5.64 -36.35 -12.79
N ALA C 102 5.54 -37.65 -12.55
CA ALA C 102 6.51 -38.40 -11.76
C ALA C 102 7.06 -39.58 -12.56
N ALA C 103 8.36 -39.55 -12.84
CA ALA C 103 9.00 -40.65 -13.57
C ALA C 103 9.26 -41.77 -12.59
N THR C 104 8.87 -42.98 -12.97
CA THR C 104 8.87 -44.15 -12.10
C THR C 104 10.21 -44.91 -12.20
N PHE C 105 11.28 -44.17 -11.97
CA PHE C 105 12.59 -44.75 -11.71
C PHE C 105 13.26 -43.88 -10.66
N ILE C 106 14.28 -44.41 -10.01
CA ILE C 106 15.03 -43.68 -9.01
C ILE C 106 16.50 -43.72 -9.44
N ARG C 107 17.25 -42.69 -9.08
CA ARG C 107 18.67 -42.64 -9.40
C ARG C 107 19.35 -43.90 -8.87
N SER C 108 20.50 -44.23 -9.44
CA SER C 108 21.25 -45.42 -9.02
C SER C 108 22.12 -45.11 -7.81
N GLU C 109 23.21 -46.43 -8.16
CA GLU C 109 24.16 -46.43 -7.01
C GLU C 109 25.04 -45.17 -7.00
N GLU C 110 25.25 -45.42 -7.59
CA GLU C 110 26.39 -44.62 -7.99
C GLU C 110 26.03 -43.14 -8.20
N GLU C 111 24.82 -42.88 -8.68
CA GLU C 111 24.37 -41.52 -8.97
C GLU C 111 23.54 -40.95 -7.82
N LEU C 112 24.13 -40.86 -6.64
CA LEU C 112 23.41 -40.44 -5.45
C LEU C 112 23.42 -38.93 -5.27
N ASP C 113 24.60 -38.33 -5.36
CA ASP C 113 24.80 -36.94 -4.93
C ASP C 113 24.35 -35.93 -5.97
N TYR C 114 24.95 -36.02 -7.16
CA TYR C 114 24.63 -35.17 -8.32
C TYR C 114 24.01 -36.03 -9.43
N VAL C 115 22.97 -35.51 -10.08
CA VAL C 115 22.22 -36.26 -11.08
C VAL C 115 21.37 -35.33 -11.99
N GLN C 116 21.69 -35.32 -13.28
CA GLN C 116 21.09 -34.40 -14.25
C GLN C 116 19.65 -34.77 -14.64
N GLU C 117 19.36 -36.08 -14.63
CA GLU C 117 18.05 -36.59 -15.05
C GLU C 117 17.11 -36.75 -13.85
N PRO C 118 16.14 -35.83 -13.65
CA PRO C 118 15.22 -35.87 -12.49
C PRO C 118 14.41 -37.16 -12.30
N ASP C 119 14.48 -37.70 -11.09
CA ASP C 119 13.87 -39.00 -10.76
C ASP C 119 12.70 -38.85 -9.77
N ILE C 120 12.12 -39.97 -9.34
CA ILE C 120 10.97 -39.98 -8.39
C ILE C 120 11.27 -39.30 -7.05
N PHE C 121 12.54 -39.25 -6.65
CA PHE C 121 12.92 -38.46 -5.48
C PHE C 121 12.80 -36.95 -5.75
N HIS C 122 13.53 -36.47 -6.75
CA HIS C 122 13.40 -35.10 -7.25
C HIS C 122 11.95 -34.63 -7.29
N GLU C 123 11.06 -35.49 -7.80
CA GLU C 123 9.65 -35.12 -8.00
C GLU C 123 8.86 -35.16 -6.71
N LEU C 124 8.65 -36.35 -6.17
CA LEU C 124 7.73 -36.51 -5.06
C LEU C 124 8.30 -35.91 -3.79
N PHE C 125 9.62 -35.88 -3.64
CA PHE C 125 10.14 -35.23 -2.44
C PHE C 125 10.31 -33.72 -2.65
N GLY C 126 10.89 -33.30 -3.76
CA GLY C 126 11.31 -31.91 -3.91
C GLY C 126 10.21 -30.96 -4.34
N HIS C 127 9.31 -31.44 -5.20
CA HIS C 127 8.33 -30.56 -5.82
C HIS C 127 6.96 -30.67 -5.24
N CYS C 128 6.38 -31.88 -5.22
CA CYS C 128 4.99 -32.11 -4.77
C CYS C 128 4.63 -31.50 -3.43
N PRO C 129 5.51 -31.57 -2.43
CA PRO C 129 5.08 -31.01 -1.15
C PRO C 129 4.62 -29.53 -1.16
N MET C 130 5.22 -28.70 -2.02
CA MET C 130 4.79 -27.29 -2.11
C MET C 130 3.48 -27.14 -2.86
N LEU C 131 3.07 -28.18 -3.60
CA LEU C 131 1.79 -28.17 -4.32
C LEU C 131 0.60 -28.41 -3.35
N THR C 132 0.88 -28.72 -2.10
CA THR C 132 -0.17 -28.75 -1.10
C THR C 132 -0.56 -27.34 -0.57
N ASP C 133 0.17 -26.28 -0.94
CA ASP C 133 -0.15 -24.94 -0.46
C ASP C 133 -0.98 -24.29 -1.55
N ARG C 134 -2.11 -23.72 -1.17
CA ARG C 134 -3.13 -23.36 -2.15
C ARG C 134 -2.72 -22.26 -3.12
N VAL C 135 -2.01 -21.25 -2.63
CA VAL C 135 -1.60 -20.14 -3.46
C VAL C 135 -0.48 -20.63 -4.38
N TYR C 136 0.46 -21.39 -3.82
CA TYR C 136 1.51 -21.96 -4.66
C TYR C 136 0.94 -22.86 -5.74
N ALA C 137 0.02 -23.77 -5.37
CA ALA C 137 -0.50 -24.73 -6.34
C ALA C 137 -1.24 -23.99 -7.47
N GLU C 138 -1.92 -22.90 -7.13
CA GLU C 138 -2.64 -22.08 -8.10
C GLU C 138 -1.71 -21.30 -9.00
N PHE C 139 -0.55 -20.89 -8.48
CA PHE C 139 0.44 -20.16 -9.27
C PHE C 139 1.08 -21.10 -10.26
N VAL C 140 1.36 -22.33 -9.83
CA VAL C 140 2.01 -23.24 -10.75
C VAL C 140 1.09 -23.57 -11.92
N HIS C 141 -0.19 -23.79 -11.62
CA HIS C 141 -1.18 -24.13 -12.66
C HIS C 141 -1.44 -23.00 -13.62
N ASP C 142 -1.65 -21.80 -13.10
CA ASP C 142 -1.84 -20.62 -13.94
C ASP C 142 -0.57 -20.39 -14.77
N TYR C 143 0.60 -20.58 -14.17
CA TYR C 143 1.84 -20.40 -14.92
C TYR C 143 1.94 -21.34 -16.13
N ALA C 144 1.78 -22.66 -15.89
CA ALA C 144 1.71 -23.65 -16.96
C ALA C 144 0.71 -23.24 -18.08
N CYS C 145 -0.53 -22.95 -17.67
CA CYS C 145 -1.61 -22.50 -18.57
C CYS C 145 -1.19 -21.35 -19.49
N LYS C 146 -0.66 -20.30 -18.88
CA LYS C 146 -0.19 -19.17 -19.67
C LYS C 146 0.99 -19.53 -20.57
N VAL C 147 1.80 -20.56 -20.29
CA VAL C 147 2.84 -20.86 -21.30
C VAL C 147 2.27 -21.41 -22.65
N LEU C 148 0.98 -21.71 -22.76
CA LEU C 148 0.33 -21.75 -24.09
C LEU C 148 -0.63 -20.56 -24.09
N THR C 149 -0.65 -19.84 -25.20
CA THR C 149 -0.84 -18.41 -25.19
C THR C 149 0.47 -17.84 -25.73
N PHE C 150 1.55 -18.56 -25.46
CA PHE C 150 2.87 -18.15 -25.90
C PHE C 150 3.44 -19.13 -26.87
N PRO C 151 4.11 -18.62 -27.91
CA PRO C 151 4.82 -19.39 -28.92
C PRO C 151 6.16 -19.90 -28.44
N GLU C 152 6.50 -21.13 -28.83
CA GLU C 152 7.79 -21.77 -28.60
C GLU C 152 9.00 -20.83 -28.56
N GLN C 153 9.00 -19.76 -29.36
CA GLN C 153 10.07 -18.75 -29.32
C GLN C 153 10.26 -18.12 -27.93
N ASP C 154 9.23 -18.18 -27.09
CA ASP C 154 9.24 -17.49 -25.79
C ASP C 154 9.44 -18.42 -24.61
N TRP C 155 9.40 -19.72 -24.86
CA TRP C 155 9.55 -20.69 -23.79
C TRP C 155 10.93 -20.77 -23.20
N PRO C 156 11.95 -20.27 -23.90
CA PRO C 156 13.19 -20.25 -23.13
C PRO C 156 13.16 -19.27 -21.95
N LEU C 157 12.63 -18.06 -22.15
CA LEU C 157 12.46 -17.06 -21.09
C LEU C 157 11.47 -17.57 -20.04
N LEU C 158 10.40 -18.20 -20.48
CA LEU C 158 9.40 -18.72 -19.54
C LEU C 158 10.00 -19.85 -18.72
N GLN C 159 10.87 -20.62 -19.36
CA GLN C 159 11.56 -21.69 -18.61
C GLN C 159 12.66 -21.09 -17.69
N ARG C 160 13.25 -19.96 -18.07
CA ARG C 160 14.18 -19.25 -17.18
C ARG C 160 13.51 -18.85 -15.86
N MET C 161 12.37 -18.20 -15.99
CA MET C 161 11.55 -17.80 -14.83
C MET C 161 11.13 -18.98 -13.95
N PHE C 162 10.76 -20.08 -14.58
CA PHE C 162 10.35 -21.29 -13.87
C PHE C 162 11.51 -21.86 -13.03
N TRP C 163 12.70 -21.79 -13.60
CA TRP C 163 13.90 -22.19 -12.92
C TRP C 163 14.14 -21.36 -11.66
N PHE C 164 13.97 -20.05 -11.73
CA PHE C 164 14.29 -19.19 -10.59
C PHE C 164 13.20 -19.11 -9.54
N THR C 165 12.10 -19.82 -9.77
CA THR C 165 10.99 -19.81 -8.82
C THR C 165 10.74 -21.26 -8.39
N VAL C 166 10.01 -22.00 -9.21
CA VAL C 166 9.61 -23.39 -8.84
C VAL C 166 10.81 -24.24 -8.49
N GLU C 167 11.90 -24.13 -9.23
CA GLU C 167 13.08 -24.95 -8.92
C GLU C 167 14.03 -24.41 -7.85
N PHE C 168 14.37 -23.12 -7.88
CA PHE C 168 15.52 -22.60 -7.13
C PHE C 168 15.23 -21.36 -6.34
N GLY C 169 13.97 -21.12 -6.01
CA GLY C 169 13.60 -19.92 -5.31
C GLY C 169 13.74 -20.01 -3.82
N LEU C 170 14.05 -18.83 -3.26
CA LEU C 170 14.18 -18.64 -1.80
C LEU C 170 13.01 -17.72 -1.34
N ILE C 171 12.69 -17.79 -0.04
CA ILE C 171 11.68 -16.91 0.48
C ILE C 171 12.21 -16.28 1.79
N LYS C 172 12.21 -14.94 1.90
CA LYS C 172 12.71 -14.29 3.10
C LYS C 172 11.50 -14.26 4.02
N THR C 173 11.59 -15.00 5.12
CA THR C 173 10.51 -15.10 6.12
C THR C 173 10.81 -14.25 7.34
N PRO C 174 9.82 -14.09 8.24
CA PRO C 174 10.15 -13.32 9.44
C PRO C 174 11.17 -13.98 10.33
N LYS C 175 11.27 -15.31 10.28
CA LYS C 175 12.32 -16.04 11.01
C LYS C 175 13.56 -16.30 10.13
N GLY C 176 13.61 -15.69 8.93
CA GLY C 176 14.78 -15.75 8.07
C GLY C 176 14.58 -16.27 6.66
N LEU C 177 15.70 -16.36 5.96
CA LEU C 177 15.77 -16.87 4.61
C LEU C 177 15.51 -18.38 4.63
N ARG C 178 14.70 -18.87 3.69
CA ARG C 178 14.41 -20.30 3.56
C ARG C 178 14.30 -20.60 2.09
N ALA C 179 14.24 -21.88 1.75
CA ALA C 179 14.17 -22.30 0.37
C ALA C 179 12.78 -22.91 0.13
N TYR C 180 12.15 -22.58 -1.03
CA TYR C 180 10.94 -23.31 -1.52
C TYR C 180 11.20 -24.14 -2.78
N GLY C 181 12.32 -23.87 -3.41
CA GLY C 181 12.62 -24.47 -4.70
C GLY C 181 12.82 -25.96 -4.63
N GLY C 182 12.14 -26.68 -5.52
CA GLY C 182 12.14 -28.12 -5.50
C GLY C 182 13.48 -28.63 -5.92
N GLY C 183 14.17 -27.83 -6.69
CA GLY C 183 15.51 -28.17 -7.12
C GLY C 183 16.51 -28.02 -6.00
N ILE C 184 16.17 -27.22 -5.00
CA ILE C 184 17.05 -27.05 -3.87
C ILE C 184 16.73 -28.13 -2.87
N LEU C 185 15.45 -28.31 -2.58
CA LEU C 185 15.04 -29.19 -1.48
C LEU C 185 15.23 -30.70 -1.75
N SER C 186 15.56 -31.06 -2.99
CA SER C 186 15.84 -32.45 -3.34
C SER C 186 17.34 -32.78 -3.37
N SER C 187 18.19 -31.78 -3.14
CA SER C 187 19.65 -31.90 -3.28
C SER C 187 20.23 -31.53 -1.92
N ILE C 188 21.20 -32.30 -1.44
CA ILE C 188 21.84 -32.07 -0.13
C ILE C 188 22.82 -30.92 -0.18
N SER C 189 23.52 -30.79 -1.31
CA SER C 189 24.44 -29.71 -1.59
C SER C 189 23.74 -28.35 -1.67
N GLU C 190 22.82 -28.20 -2.64
CA GLU C 190 22.06 -26.96 -2.78
C GLU C 190 21.45 -26.56 -1.44
N THR C 191 20.83 -27.51 -0.74
CA THR C 191 20.06 -27.18 0.47
C THR C 191 20.85 -26.44 1.54
N VAL C 192 22.12 -26.81 1.74
CA VAL C 192 22.95 -26.11 2.73
C VAL C 192 23.42 -24.78 2.15
N TYR C 193 24.10 -24.88 1.01
CA TYR C 193 24.64 -23.74 0.29
C TYR C 193 23.65 -22.56 0.13
N CYS C 194 22.40 -22.84 -0.29
CA CYS C 194 21.51 -21.78 -0.80
C CYS C 194 21.17 -20.70 0.23
N VAL C 195 21.27 -21.05 1.48
CA VAL C 195 20.99 -20.13 2.57
C VAL C 195 22.13 -20.00 3.59
N GLU C 196 23.31 -20.53 3.29
CA GLU C 196 24.42 -20.45 4.27
C GLU C 196 25.73 -20.02 3.66
N SER C 197 25.86 -20.11 2.35
CA SER C 197 27.11 -19.74 1.68
C SER C 197 27.17 -18.25 1.41
N ASP C 198 28.41 -17.76 1.34
CA ASP C 198 28.68 -16.36 1.13
C ASP C 198 29.02 -16.12 -0.32
N ILE C 199 28.86 -17.16 -1.12
CA ILE C 199 29.15 -17.07 -2.51
C ILE C 199 28.00 -16.55 -3.41
N PRO C 200 26.83 -17.24 -3.43
CA PRO C 200 25.73 -16.73 -4.30
C PRO C 200 25.28 -15.31 -4.04
N VAL C 201 24.83 -14.68 -5.12
CA VAL C 201 24.13 -13.43 -5.06
C VAL C 201 22.61 -13.67 -4.96
N ARG C 202 22.01 -13.15 -3.89
CA ARG C 202 20.57 -13.30 -3.62
C ARG C 202 19.83 -11.99 -3.86
N ILE C 203 18.98 -12.03 -4.90
CA ILE C 203 18.43 -10.85 -5.55
C ILE C 203 16.96 -10.77 -5.20
N LEU C 204 16.43 -9.52 -5.01
CA LEU C 204 15.02 -9.30 -4.50
C LEU C 204 14.16 -9.62 -5.66
N PHE C 205 13.23 -10.55 -5.51
CA PHE C 205 12.50 -11.03 -6.71
C PHE C 205 11.82 -9.87 -7.40
N ASP C 206 12.07 -9.80 -8.70
CA ASP C 206 11.43 -8.87 -9.61
C ASP C 206 11.30 -9.50 -10.98
N PRO C 207 10.14 -9.37 -11.65
CA PRO C 207 9.94 -10.26 -12.82
C PRO C 207 10.88 -9.98 -13.94
N VAL C 208 11.18 -8.72 -14.15
CA VAL C 208 12.04 -8.37 -15.27
C VAL C 208 13.45 -8.92 -15.14
N VAL C 209 13.93 -8.99 -13.90
CA VAL C 209 15.36 -9.23 -13.63
C VAL C 209 15.56 -10.70 -13.72
N ALA C 210 14.62 -11.46 -13.15
CA ALA C 210 14.61 -12.88 -13.40
C ALA C 210 14.63 -13.15 -14.89
N PHE C 211 13.91 -12.39 -15.69
CA PHE C 211 13.85 -12.72 -17.13
C PHE C 211 15.20 -12.43 -17.78
N ARG C 212 15.91 -11.45 -17.24
CA ARG C 212 17.23 -11.05 -17.77
C ARG C 212 18.42 -11.90 -17.29
N MET C 213 18.18 -12.80 -16.32
CA MET C 213 19.26 -13.60 -15.73
C MET C 213 19.47 -14.90 -16.50
N PRO C 214 20.68 -15.12 -17.03
CA PRO C 214 21.00 -16.46 -17.57
C PRO C 214 21.28 -17.53 -16.48
N TYR C 215 21.37 -18.81 -16.87
CA TYR C 215 21.64 -19.88 -15.92
C TYR C 215 22.30 -21.14 -16.50
N ARG C 216 22.94 -21.90 -15.61
CA ARG C 216 23.55 -23.16 -15.97
C ARG C 216 22.90 -24.25 -15.11
N ILE C 217 22.46 -25.30 -15.78
CA ILE C 217 21.85 -26.49 -15.18
C ILE C 217 22.83 -27.21 -14.22
N ASP C 218 23.94 -27.69 -14.74
CA ASP C 218 24.87 -28.54 -13.97
C ASP C 218 25.92 -27.75 -13.17
N GLN C 219 25.55 -27.34 -11.96
CA GLN C 219 26.39 -26.47 -11.13
C GLN C 219 25.53 -25.94 -10.00
N LEU C 220 26.16 -25.65 -8.86
CA LEU C 220 25.47 -24.98 -7.77
C LEU C 220 25.17 -23.54 -8.17
N GLN C 221 23.92 -23.12 -8.00
CA GLN C 221 23.47 -21.83 -8.56
C GLN C 221 24.21 -20.62 -7.96
N PRO C 222 24.68 -19.69 -8.81
CA PRO C 222 25.45 -18.54 -8.32
C PRO C 222 24.58 -17.34 -8.02
N VAL C 223 23.30 -17.49 -8.32
CA VAL C 223 22.31 -16.44 -8.17
C VAL C 223 20.99 -17.10 -7.76
N TYR C 224 20.39 -16.68 -6.65
CA TYR C 224 18.99 -17.03 -6.35
C TYR C 224 18.12 -15.78 -6.26
N PHE C 225 16.84 -15.89 -6.61
CA PHE C 225 15.82 -14.83 -6.44
C PHE C 225 14.97 -15.04 -5.20
N VAL C 226 14.80 -13.98 -4.40
CA VAL C 226 14.08 -14.02 -3.15
C VAL C 226 12.71 -13.30 -3.14
N ILE C 227 11.73 -14.05 -2.70
CA ILE C 227 10.36 -13.64 -2.66
C ILE C 227 10.08 -13.32 -1.19
N ASP C 228 9.08 -12.50 -0.88
CA ASP C 228 8.67 -12.34 0.52
C ASP C 228 7.29 -12.93 0.79
N SER C 229 6.76 -13.63 -0.19
CA SER C 229 5.46 -14.28 -0.09
C SER C 229 5.15 -14.91 -1.43
N TYR C 230 4.58 -16.10 -1.38
CA TYR C 230 4.08 -16.76 -2.60
C TYR C 230 3.07 -15.88 -3.36
N GLN C 231 2.36 -15.02 -2.63
CA GLN C 231 1.57 -13.94 -3.27
C GLN C 231 2.38 -13.12 -4.32
N ASN C 232 3.71 -13.00 -4.17
CA ASN C 232 4.52 -12.28 -5.18
C ASN C 232 4.48 -13.00 -6.53
N LEU C 233 4.55 -14.32 -6.49
CA LEU C 233 4.48 -15.15 -7.70
C LEU C 233 3.08 -15.13 -8.27
N TYR C 234 2.07 -15.19 -7.39
CA TYR C 234 0.67 -15.13 -7.85
C TYR C 234 0.32 -13.81 -8.57
N ASP C 235 0.65 -12.65 -7.98
CA ASP C 235 0.37 -11.38 -8.69
C ASP C 235 1.17 -11.28 -10.00
N PHE C 236 2.33 -11.92 -10.05
CA PHE C 236 3.14 -11.88 -11.27
C PHE C 236 2.42 -12.54 -12.44
N VAL C 237 1.77 -13.68 -12.19
CA VAL C 237 1.23 -14.44 -13.30
C VAL C 237 -0.16 -13.96 -13.65
N LEU C 238 -0.90 -13.46 -12.67
CA LEU C 238 -2.04 -12.61 -12.98
C LEU C 238 -1.18 -11.51 -13.56
N SER C 239 -1.71 -10.61 -14.35
CA SER C 239 -0.86 -9.51 -14.76
C SER C 239 0.32 -10.03 -15.61
N ASP C 240 0.07 -10.34 -16.87
CA ASP C 240 1.14 -10.84 -17.76
C ASP C 240 2.03 -9.70 -18.21
N MET C 241 3.25 -10.00 -18.70
CA MET C 241 3.91 -11.34 -18.68
C MET C 241 4.56 -11.56 -20.04
N GLY C 242 3.84 -11.24 -21.09
CA GLY C 242 4.45 -10.77 -22.35
C GLY C 242 5.20 -9.44 -22.18
N LYS C 243 4.61 -8.55 -21.36
CA LYS C 243 5.11 -7.19 -21.12
C LYS C 243 6.41 -7.25 -20.34
N PHE C 244 6.47 -8.01 -19.26
CA PHE C 244 7.72 -8.21 -18.52
C PHE C 244 8.80 -8.85 -19.39
N MET C 245 8.40 -9.82 -20.21
CA MET C 245 9.31 -10.53 -21.10
C MET C 245 9.93 -9.63 -22.17
N ASP C 246 9.10 -8.92 -22.95
CA ASP C 246 9.58 -7.80 -23.75
C ASP C 246 9.83 -6.84 -22.66
N ARG C 247 10.81 -5.96 -22.82
CA ARG C 247 11.33 -5.18 -21.67
C ARG C 247 12.55 -5.91 -21.18
N ALA C 248 12.36 -7.13 -20.70
CA ALA C 248 13.50 -7.95 -20.36
C ALA C 248 14.40 -7.99 -21.60
N ARG C 249 13.79 -8.21 -22.76
CA ARG C 249 14.53 -8.20 -24.02
C ARG C 249 15.01 -6.81 -24.47
N GLU C 250 14.23 -5.76 -24.23
CA GLU C 250 14.65 -4.40 -24.61
C GLU C 250 15.90 -3.98 -23.86
N LEU C 251 15.88 -4.12 -22.53
CA LEU C 251 17.13 -4.07 -21.74
C LEU C 251 17.88 -5.35 -22.11
N GLY C 252 19.20 -5.42 -21.99
CA GLY C 252 19.87 -6.66 -22.44
C GLY C 252 19.95 -7.79 -21.42
N GLU C 253 20.11 -9.03 -21.91
CA GLU C 253 20.42 -10.15 -21.02
C GLU C 253 21.64 -9.74 -20.21
N LEU C 254 21.65 -10.09 -18.93
CA LEU C 254 22.75 -9.75 -18.05
C LEU C 254 23.92 -10.69 -18.28
N PRO C 255 25.13 -10.26 -17.89
CA PRO C 255 26.28 -11.14 -17.95
C PRO C 255 26.28 -12.18 -16.81
N PRO C 256 26.66 -13.45 -17.13
CA PRO C 256 26.62 -14.58 -16.22
C PRO C 256 27.57 -14.34 -15.05
N TYR C 257 27.28 -14.86 -13.86
CA TYR C 257 28.29 -14.82 -12.79
C TYR C 257 29.11 -16.09 -12.84
N PHE C 258 28.47 -17.19 -13.23
CA PHE C 258 29.18 -18.44 -13.56
C PHE C 258 30.08 -18.34 -14.79
N ASP C 259 30.85 -19.40 -15.03
CA ASP C 259 31.76 -19.45 -16.19
C ASP C 259 31.20 -20.26 -17.36
N TYR D 20 -43.99 -26.37 -15.07
CA TYR D 20 -44.40 -24.94 -15.07
C TYR D 20 -45.36 -24.63 -16.24
N SER D 21 -46.52 -24.07 -15.90
CA SER D 21 -47.61 -23.89 -16.86
C SER D 21 -48.15 -22.47 -16.90
N ALA D 22 -47.74 -21.68 -17.90
CA ALA D 22 -48.19 -20.29 -18.04
C ALA D 22 -49.26 -19.89 -17.03
N GLN D 23 -49.71 -18.57 -16.65
CA GLN D 23 -48.86 -17.41 -16.93
C GLN D 23 -47.53 -17.57 -16.21
N GLU D 24 -47.33 -17.83 -14.90
CA GLU D 24 -46.28 -18.69 -14.29
C GLU D 24 -44.94 -18.34 -14.97
N ASN D 25 -44.68 -18.97 -16.12
CA ASN D 25 -43.63 -18.54 -17.03
C ASN D 25 -43.81 -17.09 -17.45
N ARG D 26 -45.05 -16.61 -17.56
CA ARG D 26 -45.31 -15.22 -17.96
C ARG D 26 -44.83 -14.20 -16.90
N ILE D 27 -45.12 -14.51 -15.65
CA ILE D 27 -44.60 -13.76 -14.49
C ILE D 27 -43.08 -13.76 -14.48
N TRP D 28 -42.44 -14.92 -14.66
CA TRP D 28 -40.99 -14.88 -14.80
C TRP D 28 -40.70 -13.89 -15.87
N ASN D 29 -41.33 -14.08 -17.03
CA ASN D 29 -41.15 -13.20 -18.17
C ASN D 29 -41.33 -11.72 -17.86
N ILE D 30 -42.43 -11.33 -17.20
CA ILE D 30 -42.64 -9.90 -16.93
C ILE D 30 -41.59 -9.42 -15.93
N LEU D 31 -41.23 -10.23 -14.93
CA LEU D 31 -40.15 -9.84 -14.00
C LEU D 31 -38.80 -9.69 -14.72
N PHE D 32 -38.50 -10.63 -15.59
CA PHE D 32 -37.22 -10.61 -16.28
C PHE D 32 -37.11 -9.38 -17.21
N GLU D 33 -38.05 -9.32 -18.12
CA GLU D 33 -38.13 -8.27 -19.11
C GLU D 33 -38.06 -6.81 -18.53
N ARG D 34 -38.59 -6.57 -17.33
CA ARG D 34 -38.55 -5.19 -16.77
C ARG D 34 -37.27 -4.88 -15.96
N GLN D 35 -36.73 -5.88 -15.26
CA GLN D 35 -35.44 -5.71 -14.60
C GLN D 35 -34.33 -5.52 -15.66
N LEU D 36 -34.36 -6.36 -16.69
CA LEU D 36 -33.37 -6.25 -17.74
C LEU D 36 -33.13 -4.80 -18.19
N LYS D 37 -34.23 -4.07 -18.42
CA LYS D 37 -34.15 -2.69 -18.95
C LYS D 37 -33.34 -1.78 -18.02
N LEU D 38 -33.54 -1.91 -16.71
CA LEU D 38 -32.97 -0.98 -15.74
C LEU D 38 -31.51 -1.23 -15.39
N LEU D 39 -30.98 -2.41 -15.74
CA LEU D 39 -29.63 -2.83 -15.32
C LEU D 39 -28.43 -2.01 -15.82
N PRO D 40 -28.46 -1.56 -17.09
CA PRO D 40 -27.32 -0.89 -17.75
C PRO D 40 -26.47 0.14 -16.97
N GLY D 41 -27.07 1.15 -16.37
CA GLY D 41 -26.27 2.12 -15.57
C GLY D 41 -26.16 1.80 -14.08
N ARG D 42 -26.65 0.62 -13.67
CA ARG D 42 -26.86 0.33 -12.28
C ARG D 42 -26.15 -0.93 -11.77
N ALA D 43 -26.33 -2.07 -12.41
CA ALA D 43 -25.67 -3.30 -11.97
C ALA D 43 -24.19 -3.22 -12.32
N CYS D 44 -23.40 -3.98 -11.58
CA CYS D 44 -21.97 -4.08 -11.81
C CYS D 44 -21.70 -4.96 -13.00
N ASP D 45 -20.55 -4.74 -13.66
CA ASP D 45 -20.19 -5.53 -14.85
C ASP D 45 -20.27 -7.02 -14.61
N GLU D 46 -19.83 -7.46 -13.44
CA GLU D 46 -19.77 -8.89 -13.13
C GLU D 46 -21.15 -9.49 -13.15
N PHE D 47 -22.12 -8.77 -12.58
CA PHE D 47 -23.52 -9.21 -12.65
C PHE D 47 -24.00 -9.28 -14.09
N LEU D 48 -23.75 -8.23 -14.86
CA LEU D 48 -24.11 -8.28 -16.29
C LEU D 48 -23.65 -9.61 -16.93
N SER D 49 -22.35 -9.89 -16.88
CA SER D 49 -21.83 -11.04 -17.60
C SER D 49 -22.21 -12.39 -16.98
N GLY D 50 -22.43 -12.41 -15.65
CA GLY D 50 -22.90 -13.63 -14.96
C GLY D 50 -24.22 -14.10 -15.56
N LEU D 51 -25.16 -13.16 -15.68
CA LEU D 51 -26.46 -13.33 -16.33
C LEU D 51 -26.34 -13.97 -17.70
N GLN D 52 -25.36 -13.49 -18.46
CA GLN D 52 -25.19 -14.01 -19.79
C GLN D 52 -24.56 -15.42 -19.71
N THR D 53 -23.47 -15.54 -18.96
CA THR D 53 -22.84 -16.82 -18.70
C THR D 53 -23.82 -17.86 -18.22
N LEU D 54 -24.78 -17.46 -17.39
CA LEU D 54 -25.69 -18.45 -16.81
C LEU D 54 -26.83 -18.86 -17.74
N GLY D 55 -27.00 -18.21 -18.89
CA GLY D 55 -28.01 -18.63 -19.86
C GLY D 55 -29.46 -18.34 -19.45
N LEU D 56 -29.67 -17.26 -18.71
CA LEU D 56 -31.01 -16.96 -18.23
C LEU D 56 -31.91 -16.32 -19.31
N ASN D 57 -32.85 -17.13 -19.79
CA ASN D 57 -33.80 -16.68 -20.78
C ASN D 57 -34.86 -15.75 -20.18
N SER D 58 -35.34 -14.83 -20.98
CA SER D 58 -36.43 -13.93 -20.60
C SER D 58 -37.75 -14.48 -21.09
N SER D 59 -38.05 -15.74 -20.79
CA SER D 59 -39.06 -16.45 -21.56
C SER D 59 -39.71 -17.59 -20.77
N THR D 60 -38.86 -18.41 -20.15
CA THR D 60 -39.30 -19.46 -19.24
C THR D 60 -38.55 -19.35 -17.94
N ILE D 61 -39.08 -19.97 -16.90
CA ILE D 61 -38.33 -20.21 -15.67
C ILE D 61 -37.28 -21.28 -15.97
N PRO D 62 -35.98 -21.01 -15.66
CA PRO D 62 -34.98 -22.03 -15.96
C PRO D 62 -35.21 -23.42 -15.31
N GLN D 63 -34.53 -24.42 -15.85
CA GLN D 63 -34.40 -25.71 -15.18
C GLN D 63 -33.04 -25.67 -14.51
N LEU D 64 -32.98 -26.12 -13.26
CA LEU D 64 -31.76 -26.02 -12.46
C LEU D 64 -30.55 -26.75 -13.00
N PRO D 65 -30.72 -27.99 -13.51
CA PRO D 65 -29.54 -28.70 -14.02
C PRO D 65 -28.68 -27.86 -14.98
N GLU D 66 -29.26 -27.37 -16.08
CA GLU D 66 -28.60 -26.52 -17.08
C GLU D 66 -27.91 -25.31 -16.42
N VAL D 67 -28.63 -24.64 -15.53
CA VAL D 67 -28.11 -23.45 -14.89
C VAL D 67 -26.94 -23.86 -14.03
N SER D 68 -27.10 -24.93 -13.28
CA SER D 68 -26.02 -25.45 -12.44
C SER D 68 -24.76 -25.76 -13.23
N GLU D 69 -24.92 -26.65 -14.22
CA GLU D 69 -23.84 -27.02 -15.12
C GLU D 69 -23.03 -25.82 -15.60
N ARG D 70 -23.71 -24.72 -15.87
CA ARG D 70 -23.03 -23.51 -16.34
C ARG D 70 -22.30 -22.76 -15.22
N LEU D 71 -22.92 -22.68 -14.04
CA LEU D 71 -22.29 -22.07 -12.87
C LEU D 71 -21.05 -22.84 -12.47
N LYS D 72 -21.21 -24.16 -12.34
CA LYS D 72 -20.14 -25.06 -11.93
C LYS D 72 -18.89 -24.92 -12.79
N ALA D 73 -19.07 -24.76 -14.09
CA ALA D 73 -17.93 -24.65 -15.01
C ALA D 73 -17.16 -23.34 -14.83
N LYS D 74 -17.79 -22.32 -14.24
CA LYS D 74 -17.09 -21.08 -13.91
C LYS D 74 -16.36 -21.05 -12.55
N THR D 75 -16.97 -21.66 -11.53
CA THR D 75 -16.43 -21.54 -10.16
C THR D 75 -16.73 -22.69 -9.20
N GLY D 76 -17.17 -23.85 -9.70
CA GLY D 76 -17.48 -24.99 -8.85
C GLY D 76 -18.79 -24.90 -8.09
N TRP D 77 -19.53 -23.82 -8.25
CA TRP D 77 -20.83 -23.68 -7.59
C TRP D 77 -21.92 -24.38 -8.35
N GLN D 78 -22.98 -24.73 -7.63
CA GLN D 78 -24.14 -25.33 -8.26
C GLN D 78 -25.36 -24.70 -7.64
N VAL D 79 -26.55 -25.12 -8.11
CA VAL D 79 -27.82 -24.73 -7.50
C VAL D 79 -28.55 -25.97 -7.05
N ALA D 80 -29.14 -25.90 -5.86
CA ALA D 80 -29.95 -26.98 -5.33
C ALA D 80 -31.39 -26.51 -5.19
N PRO D 81 -32.35 -27.33 -5.67
CA PRO D 81 -33.75 -27.03 -5.46
C PRO D 81 -34.07 -27.21 -3.98
N VAL D 82 -34.73 -26.24 -3.34
CA VAL D 82 -35.13 -26.41 -1.93
C VAL D 82 -36.49 -25.73 -1.62
N ALA D 83 -37.19 -26.53 -0.36
CA ALA D 83 -38.58 -26.24 0.09
C ALA D 83 -38.75 -24.73 0.32
N ALA D 84 -39.73 -24.45 0.90
CA ALA D 84 -39.71 -23.00 0.82
C ALA D 84 -38.85 -22.44 1.95
N LEU D 85 -39.44 -22.32 3.14
CA LEU D 85 -38.77 -21.64 4.25
C LEU D 85 -37.84 -22.64 4.87
N ILE D 86 -36.67 -22.81 4.26
CA ILE D 86 -35.55 -23.56 4.83
C ILE D 86 -34.97 -22.68 5.92
N SER D 87 -34.17 -23.30 6.79
CA SER D 87 -33.78 -22.69 8.06
C SER D 87 -32.45 -21.95 7.88
N ALA D 88 -32.07 -21.09 8.82
CA ALA D 88 -30.82 -20.35 8.70
C ALA D 88 -29.69 -21.34 8.53
N ARG D 89 -29.68 -22.33 9.41
CA ARG D 89 -28.69 -23.39 9.38
C ARG D 89 -28.66 -24.11 8.03
N GLU D 90 -29.81 -24.48 7.46
CA GLU D 90 -29.79 -25.25 6.21
C GLU D 90 -29.22 -24.40 5.04
N PHE D 91 -29.61 -23.14 4.96
CA PHE D 91 -29.02 -22.15 4.02
C PHE D 91 -27.50 -22.12 4.10
N PHE D 92 -26.96 -21.93 5.30
CA PHE D 92 -25.51 -21.81 5.43
C PHE D 92 -24.78 -23.15 5.21
N GLU D 93 -25.40 -24.26 5.61
CA GLU D 93 -24.79 -25.59 5.34
C GLU D 93 -24.70 -25.83 3.85
N LEU D 94 -25.68 -25.36 3.09
CA LEU D 94 -25.63 -25.50 1.63
C LEU D 94 -24.55 -24.64 0.97
N LEU D 95 -24.51 -23.35 1.30
CA LEU D 95 -23.46 -22.47 0.79
C LEU D 95 -22.12 -23.07 1.10
N ALA D 96 -21.99 -23.65 2.29
CA ALA D 96 -20.75 -24.29 2.75
C ALA D 96 -20.22 -25.41 1.82
N GLU D 97 -21.13 -26.18 1.22
CA GLU D 97 -20.78 -27.22 0.24
C GLU D 97 -20.87 -26.71 -1.20
N LYS D 98 -20.81 -25.38 -1.38
CA LYS D 98 -20.89 -24.71 -2.71
C LYS D 98 -22.18 -24.87 -3.52
N TYR D 99 -23.30 -25.10 -2.84
CA TYR D 99 -24.63 -25.15 -3.48
C TYR D 99 -25.44 -23.88 -3.13
N PHE D 100 -25.96 -23.14 -4.11
CA PHE D 100 -26.93 -22.05 -3.83
C PHE D 100 -28.36 -22.57 -3.91
N PRO D 101 -29.13 -22.36 -2.83
CA PRO D 101 -30.49 -22.88 -2.78
C PRO D 101 -31.43 -22.10 -3.66
N ALA D 102 -32.23 -22.81 -4.44
CA ALA D 102 -33.28 -22.19 -5.22
C ALA D 102 -34.63 -22.85 -4.91
N ALA D 103 -35.56 -22.06 -4.36
CA ALA D 103 -36.90 -22.57 -4.09
C ALA D 103 -37.68 -22.58 -5.38
N THR D 104 -38.34 -23.72 -5.65
CA THR D 104 -38.97 -23.98 -6.94
C THR D 104 -40.42 -23.50 -6.99
N PHE D 105 -40.62 -22.24 -6.65
CA PHE D 105 -41.86 -21.54 -6.89
C PHE D 105 -41.53 -20.12 -7.27
N ILE D 106 -42.47 -19.43 -7.88
CA ILE D 106 -42.30 -18.03 -8.29
C ILE D 106 -43.44 -17.23 -7.66
N ARG D 107 -43.19 -15.97 -7.37
CA ARG D 107 -44.21 -15.10 -6.79
C ARG D 107 -45.45 -15.07 -7.67
N SER D 108 -46.58 -14.73 -7.07
CA SER D 108 -47.87 -14.67 -7.78
C SER D 108 -48.12 -13.32 -8.44
N GLU D 109 -49.03 -13.31 -9.41
CA GLU D 109 -49.50 -12.09 -10.06
C GLU D 109 -49.69 -10.94 -9.06
N GLU D 110 -50.45 -11.19 -8.01
CA GLU D 110 -50.70 -10.16 -7.01
C GLU D 110 -49.43 -9.72 -6.29
N GLU D 111 -48.50 -10.64 -6.06
CA GLU D 111 -47.26 -10.33 -5.36
C GLU D 111 -46.11 -10.05 -6.34
N LEU D 112 -46.27 -9.04 -7.18
CA LEU D 112 -45.28 -8.74 -8.24
C LEU D 112 -44.18 -7.80 -7.70
N ASP D 113 -44.59 -6.67 -7.12
CA ASP D 113 -43.65 -5.65 -6.62
C ASP D 113 -43.20 -5.96 -5.20
N TYR D 114 -44.18 -6.08 -4.30
CA TYR D 114 -43.92 -6.45 -2.93
C TYR D 114 -45.03 -7.36 -2.47
N PRO D 118 -38.60 -14.73 -0.62
CA PRO D 118 -37.74 -14.93 -1.79
C PRO D 118 -38.04 -16.14 -2.65
N ASP D 119 -38.23 -15.91 -3.94
CA ASP D 119 -38.64 -16.95 -4.89
C ASP D 119 -37.51 -17.25 -5.92
N ILE D 120 -37.79 -18.13 -6.89
CA ILE D 120 -36.83 -18.51 -7.93
C ILE D 120 -36.30 -17.32 -8.77
N PHE D 121 -37.07 -16.24 -8.87
CA PHE D 121 -36.54 -15.02 -9.49
C PHE D 121 -35.46 -14.37 -8.60
N HIS D 122 -35.83 -14.04 -7.37
CA HIS D 122 -34.87 -13.57 -6.37
C HIS D 122 -33.57 -14.32 -6.41
N GLU D 123 -33.65 -15.64 -6.50
CA GLU D 123 -32.45 -16.50 -6.40
C GLU D 123 -31.65 -16.50 -7.68
N LEU D 124 -32.23 -17.09 -8.74
CA LEU D 124 -31.48 -17.36 -9.95
C LEU D 124 -31.20 -16.04 -10.66
N PHE D 125 -32.06 -15.04 -10.55
CA PHE D 125 -31.75 -13.79 -11.22
C PHE D 125 -30.85 -12.92 -10.34
N GLY D 126 -31.19 -12.77 -9.07
CA GLY D 126 -30.56 -11.76 -8.26
C GLY D 126 -29.21 -12.17 -7.69
N HIS D 127 -29.10 -13.42 -7.31
CA HIS D 127 -27.94 -13.87 -6.54
C HIS D 127 -26.93 -14.66 -7.36
N CYS D 128 -27.37 -15.74 -8.01
CA CYS D 128 -26.47 -16.62 -8.82
C CYS D 128 -25.54 -15.95 -9.80
N PRO D 129 -26.01 -14.93 -10.53
CA PRO D 129 -25.09 -14.37 -11.50
C PRO D 129 -23.75 -13.85 -10.92
N MET D 130 -23.75 -13.33 -9.69
CA MET D 130 -22.49 -12.86 -9.08
C MET D 130 -21.63 -14.01 -8.62
N LEU D 131 -22.21 -15.20 -8.52
CA LEU D 131 -21.43 -16.41 -8.18
C LEU D 131 -20.58 -16.95 -9.38
N THR D 132 -20.75 -16.36 -10.54
CA THR D 132 -19.83 -16.63 -11.63
C THR D 132 -18.47 -15.87 -11.53
N ASP D 133 -18.32 -14.94 -10.59
CA ASP D 133 -17.08 -14.21 -10.43
C ASP D 133 -16.27 -14.88 -9.36
N ARG D 134 -15.01 -15.18 -9.65
CA ARG D 134 -14.26 -16.12 -8.81
C ARG D 134 -13.99 -15.65 -7.41
N VAL D 135 -13.66 -14.38 -7.24
CA VAL D 135 -13.34 -13.82 -5.92
C VAL D 135 -14.64 -13.74 -5.13
N TYR D 136 -15.70 -13.27 -5.78
CA TYR D 136 -17.00 -13.25 -5.10
C TYR D 136 -17.45 -14.63 -4.68
N ALA D 137 -17.36 -15.60 -5.59
CA ALA D 137 -17.83 -16.96 -5.28
C ALA D 137 -17.05 -17.56 -4.11
N GLU D 138 -15.75 -17.27 -4.06
CA GLU D 138 -14.90 -17.75 -2.98
C GLU D 138 -15.18 -17.05 -1.66
N PHE D 139 -15.61 -15.80 -1.71
CA PHE D 139 -15.96 -15.04 -0.49
C PHE D 139 -17.27 -15.54 0.07
N VAL D 140 -18.24 -15.79 -0.81
CA VAL D 140 -19.52 -16.29 -0.32
C VAL D 140 -19.33 -17.67 0.39
N HIS D 141 -18.53 -18.55 -0.21
CA HIS D 141 -18.25 -19.86 0.34
C HIS D 141 -17.48 -19.86 1.64
N ASP D 142 -16.39 -19.11 1.69
CA ASP D 142 -15.64 -18.96 2.93
C ASP D 142 -16.50 -18.33 3.98
N TYR D 143 -17.30 -17.34 3.62
CA TYR D 143 -18.18 -16.73 4.62
C TYR D 143 -19.14 -17.75 5.25
N ALA D 144 -19.87 -18.51 4.43
CA ALA D 144 -20.75 -19.60 4.91
C ALA D 144 -20.02 -20.53 5.86
N CYS D 145 -18.89 -21.05 5.38
CA CYS D 145 -18.00 -21.93 6.17
C CYS D 145 -17.68 -21.40 7.56
N LYS D 146 -17.19 -20.16 7.62
CA LYS D 146 -16.89 -19.55 8.89
C LYS D 146 -18.14 -19.29 9.75
N VAL D 147 -19.35 -19.16 9.21
CA VAL D 147 -20.49 -19.05 10.16
C VAL D 147 -20.77 -20.34 10.98
N LEU D 148 -20.12 -21.48 10.69
CA LEU D 148 -20.00 -22.55 11.72
C LEU D 148 -18.51 -22.55 12.07
N THR D 149 -18.21 -22.63 13.35
CA THR D 149 -17.06 -21.98 13.95
C THR D 149 -17.70 -21.01 14.93
N PHE D 150 -18.91 -20.55 14.56
CA PHE D 150 -19.62 -19.58 15.37
C PHE D 150 -20.91 -20.16 15.90
N PRO D 151 -21.22 -19.86 17.18
CA PRO D 151 -22.43 -20.25 17.85
C PRO D 151 -23.60 -19.39 17.47
N GLU D 152 -24.77 -20.01 17.33
CA GLU D 152 -26.06 -19.36 17.10
C GLU D 152 -26.22 -17.97 17.74
N GLN D 153 -25.64 -17.74 18.90
CA GLN D 153 -25.68 -16.40 19.54
C GLN D 153 -25.09 -15.29 18.65
N ASP D 154 -24.25 -15.67 17.71
CA ASP D 154 -23.52 -14.70 16.87
C ASP D 154 -24.05 -14.55 15.45
N TRP D 155 -24.96 -15.43 15.07
CA TRP D 155 -25.53 -15.40 13.74
C TRP D 155 -26.40 -14.21 13.47
N PRO D 156 -26.85 -13.48 14.52
CA PRO D 156 -27.59 -12.28 14.10
C PRO D 156 -26.67 -11.20 13.51
N LEU D 157 -25.51 -10.99 14.12
CA LEU D 157 -24.47 -10.12 13.60
C LEU D 157 -23.94 -10.64 12.27
N LEU D 158 -23.73 -11.93 12.16
CA LEU D 158 -23.18 -12.49 10.91
C LEU D 158 -24.20 -12.31 9.80
N GLN D 159 -25.48 -12.40 10.18
CA GLN D 159 -26.52 -12.20 9.19
C GLN D 159 -26.69 -10.72 8.84
N ARG D 160 -26.40 -9.85 9.81
CA ARG D 160 -26.36 -8.41 9.52
C ARG D 160 -25.36 -8.10 8.41
N MET D 161 -24.14 -8.59 8.57
CA MET D 161 -23.07 -8.40 7.59
C MET D 161 -23.43 -8.98 6.23
N PHE D 162 -24.08 -10.13 6.22
CA PHE D 162 -24.51 -10.77 4.99
C PHE D 162 -25.52 -9.90 4.23
N TRP D 163 -26.39 -9.26 4.98
CA TRP D 163 -27.38 -8.37 4.45
C TRP D 163 -26.77 -7.18 3.78
N PHE D 164 -25.74 -6.58 4.39
CA PHE D 164 -25.11 -5.40 3.81
C PHE D 164 -24.08 -5.67 2.73
N THR D 165 -23.86 -6.95 2.40
CA THR D 165 -22.94 -7.31 1.35
C THR D 165 -23.66 -8.10 0.27
N VAL D 166 -23.83 -9.40 0.51
CA VAL D 166 -24.45 -10.27 -0.51
C VAL D 166 -25.78 -9.73 -0.98
N GLU D 167 -26.62 -9.22 -0.07
CA GLU D 167 -27.95 -8.75 -0.47
C GLU D 167 -28.04 -7.31 -0.98
N PHE D 168 -27.39 -6.38 -0.30
CA PHE D 168 -27.66 -4.95 -0.53
C PHE D 168 -26.41 -4.11 -0.73
N GLY D 169 -25.31 -4.73 -1.15
CA GLY D 169 -24.07 -4.00 -1.29
C GLY D 169 -23.92 -3.29 -2.63
N LEU D 170 -23.16 -2.18 -2.55
CA LEU D 170 -22.82 -1.36 -3.69
C LEU D 170 -21.29 -1.46 -3.91
N ILE D 171 -20.84 -1.09 -5.09
CA ILE D 171 -19.43 -1.05 -5.35
C ILE D 171 -19.12 0.27 -6.08
N LYS D 172 -18.20 1.07 -5.58
CA LYS D 172 -17.78 2.31 -6.31
C LYS D 172 -16.71 1.88 -7.31
N THR D 173 -17.04 1.96 -8.60
CA THR D 173 -16.15 1.54 -9.72
C THR D 173 -15.53 2.77 -10.39
N PRO D 174 -14.55 2.55 -11.31
CA PRO D 174 -14.03 3.72 -12.02
C PRO D 174 -15.05 4.41 -12.94
N LYS D 175 -16.07 3.69 -13.40
CA LYS D 175 -17.16 4.32 -14.15
C LYS D 175 -18.34 4.71 -13.25
N GLY D 176 -18.15 4.60 -11.93
CA GLY D 176 -19.15 5.05 -10.96
C GLY D 176 -19.66 4.03 -9.97
N LEU D 177 -20.64 4.46 -9.20
CA LEU D 177 -21.34 3.62 -8.23
C LEU D 177 -22.18 2.58 -8.97
N ARG D 178 -22.17 1.31 -8.53
CA ARG D 178 -23.00 0.23 -9.08
C ARG D 178 -23.43 -0.68 -7.95
N ALA D 179 -24.35 -1.60 -8.24
CA ALA D 179 -24.88 -2.49 -7.25
C ALA D 179 -24.43 -3.88 -7.56
N TYR D 180 -24.03 -4.63 -6.53
CA TYR D 180 -23.83 -6.09 -6.65
C TYR D 180 -24.88 -6.91 -5.90
N GLY D 181 -25.58 -6.25 -5.00
CA GLY D 181 -26.44 -6.96 -4.07
C GLY D 181 -27.59 -7.65 -4.78
N GLY D 182 -27.75 -8.92 -4.47
CA GLY D 182 -28.81 -9.70 -5.06
C GLY D 182 -30.19 -9.29 -4.62
N GLY D 183 -30.27 -8.67 -3.45
CA GLY D 183 -31.50 -8.14 -2.98
C GLY D 183 -31.88 -6.88 -3.73
N ILE D 184 -30.90 -6.20 -4.30
CA ILE D 184 -31.20 -4.99 -5.04
C ILE D 184 -31.55 -5.40 -6.45
N LEU D 185 -30.72 -6.26 -7.04
CA LEU D 185 -30.80 -6.54 -8.46
C LEU D 185 -32.03 -7.37 -8.85
N SER D 186 -32.73 -7.91 -7.85
CA SER D 186 -33.96 -8.62 -8.13
C SER D 186 -35.23 -7.80 -7.92
N SER D 187 -35.09 -6.54 -7.51
CA SER D 187 -36.22 -5.66 -7.17
C SER D 187 -36.10 -4.45 -8.06
N ILE D 188 -37.23 -3.98 -8.61
CA ILE D 188 -37.24 -2.81 -9.54
C ILE D 188 -37.12 -1.49 -8.82
N SER D 189 -37.72 -1.42 -7.63
CA SER D 189 -37.63 -0.29 -6.71
C SER D 189 -36.21 -0.07 -6.21
N GLU D 190 -35.66 -1.05 -5.51
CA GLU D 190 -34.28 -0.93 -4.99
C GLU D 190 -33.33 -0.54 -6.09
N THR D 191 -33.42 -1.21 -7.22
CA THR D 191 -32.43 -1.06 -8.27
C THR D 191 -32.25 0.40 -8.77
N VAL D 192 -33.34 1.18 -8.85
CA VAL D 192 -33.26 2.56 -9.27
C VAL D 192 -32.77 3.43 -8.10
N TYR D 193 -33.51 3.35 -7.01
CA TYR D 193 -33.21 4.05 -5.75
C TYR D 193 -31.73 3.95 -5.28
N CYS D 194 -31.17 2.73 -5.28
CA CYS D 194 -29.92 2.47 -4.53
C CYS D 194 -28.75 3.31 -5.01
N VAL D 195 -28.81 3.71 -6.25
CA VAL D 195 -27.72 4.43 -6.88
C VAL D 195 -28.28 5.62 -7.65
N GLU D 196 -29.49 6.12 -7.35
CA GLU D 196 -29.98 7.43 -7.92
C GLU D 196 -30.52 8.40 -6.82
N SER D 197 -31.01 7.87 -5.71
CA SER D 197 -31.71 8.70 -4.74
C SER D 197 -30.75 9.48 -3.83
N ASP D 198 -31.24 10.59 -3.32
CA ASP D 198 -30.50 11.42 -2.39
C ASP D 198 -30.85 11.08 -0.94
N ILE D 199 -31.64 10.03 -0.76
CA ILE D 199 -32.15 9.69 0.56
C ILE D 199 -31.18 8.80 1.36
N PRO D 200 -30.88 7.60 0.85
CA PRO D 200 -29.93 6.76 1.58
C PRO D 200 -28.58 7.41 1.94
N VAL D 201 -28.04 7.00 3.07
CA VAL D 201 -26.67 7.21 3.42
C VAL D 201 -25.76 6.04 2.97
N ARG D 202 -24.76 6.37 2.17
CA ARG D 202 -23.89 5.36 1.58
C ARG D 202 -22.58 5.48 2.25
N ILE D 203 -22.20 4.38 2.87
CA ILE D 203 -21.06 4.37 3.81
C ILE D 203 -19.90 3.58 3.21
N LEU D 204 -18.67 3.98 3.49
CA LEU D 204 -17.47 3.22 3.04
C LEU D 204 -17.41 1.92 3.73
N PHE D 205 -17.31 0.83 3.02
CA PHE D 205 -17.37 -0.47 3.67
C PHE D 205 -16.24 -0.67 4.63
N ASP D 206 -16.64 -1.04 5.87
CA ASP D 206 -15.72 -1.26 6.95
C ASP D 206 -16.33 -2.27 7.89
N PRO D 207 -15.57 -3.29 8.32
CA PRO D 207 -16.26 -4.43 8.96
C PRO D 207 -16.94 -4.13 10.27
N VAL D 208 -16.29 -3.34 11.11
CA VAL D 208 -16.86 -3.02 12.43
C VAL D 208 -18.20 -2.28 12.26
N VAL D 209 -18.32 -1.43 11.24
CA VAL D 209 -19.42 -0.44 11.15
C VAL D 209 -20.59 -1.21 10.66
N ALA D 210 -20.33 -2.06 9.67
CA ALA D 210 -21.38 -2.94 9.19
C ALA D 210 -21.91 -3.71 10.34
N PHE D 211 -21.04 -4.16 11.25
CA PHE D 211 -21.54 -5.00 12.36
C PHE D 211 -22.40 -4.17 13.32
N ARG D 212 -22.09 -2.88 13.42
CA ARG D 212 -22.83 -1.94 14.29
C ARG D 212 -24.15 -1.39 13.73
N MET D 213 -24.43 -1.69 12.45
CA MET D 213 -25.62 -1.13 11.75
C MET D 213 -26.85 -2.01 11.84
N PRO D 214 -27.92 -1.51 12.44
CA PRO D 214 -29.16 -2.27 12.41
C PRO D 214 -29.87 -2.19 11.04
N TYR D 215 -30.92 -2.98 10.85
CA TYR D 215 -31.67 -2.98 9.60
C TYR D 215 -33.12 -3.47 9.70
N ARG D 216 -33.92 -3.10 8.72
CA ARG D 216 -35.31 -3.56 8.60
C ARG D 216 -35.44 -4.24 7.26
N ILE D 217 -36.01 -5.44 7.28
CA ILE D 217 -36.31 -6.25 6.08
C ILE D 217 -37.28 -5.53 5.14
N ASP D 218 -38.48 -5.24 5.62
CA ASP D 218 -39.56 -4.73 4.76
C ASP D 218 -39.54 -3.21 4.61
N GLN D 219 -38.77 -2.71 3.63
CA GLN D 219 -38.57 -1.27 3.45
C GLN D 219 -37.38 -1.07 2.51
N LEU D 220 -37.38 0.02 1.76
CA LEU D 220 -36.22 0.39 0.94
C LEU D 220 -35.09 0.83 1.89
N GLN D 221 -33.91 0.28 1.67
CA GLN D 221 -32.81 0.43 2.62
C GLN D 221 -32.34 1.88 2.77
N PRO D 222 -32.19 2.34 4.02
CA PRO D 222 -31.81 3.77 4.26
C PRO D 222 -30.30 3.98 4.38
N VAL D 223 -29.59 2.85 4.38
CA VAL D 223 -28.16 2.82 4.48
C VAL D 223 -27.61 1.69 3.55
N TYR D 224 -26.69 1.99 2.65
CA TYR D 224 -25.94 0.93 1.94
C TYR D 224 -24.47 1.04 2.26
N PHE D 225 -23.75 -0.09 2.25
CA PHE D 225 -22.29 -0.12 2.39
C PHE D 225 -21.59 -0.29 1.07
N VAL D 226 -20.56 0.54 0.82
CA VAL D 226 -19.88 0.60 -0.47
C VAL D 226 -18.44 0.01 -0.38
N ILE D 227 -18.17 -0.88 -1.31
CA ILE D 227 -16.92 -1.58 -1.41
C ILE D 227 -16.17 -0.92 -2.58
N ASP D 228 -14.83 -1.00 -2.64
CA ASP D 228 -14.17 -0.60 -3.89
C ASP D 228 -13.62 -1.81 -4.71
N SER D 229 -13.94 -3.01 -4.26
CA SER D 229 -13.43 -4.23 -4.87
C SER D 229 -13.91 -5.41 -4.03
N TYR D 230 -14.38 -6.46 -4.71
CA TYR D 230 -14.75 -7.72 -4.04
C TYR D 230 -13.61 -8.27 -3.18
N GLN D 231 -12.36 -7.97 -3.57
CA GLN D 231 -11.20 -8.19 -2.69
C GLN D 231 -11.40 -7.62 -1.26
N ASN D 232 -12.18 -6.55 -1.09
CA ASN D 232 -12.43 -6.02 0.27
C ASN D 232 -13.18 -7.05 1.11
N LEU D 233 -14.16 -7.73 0.50
CA LEU D 233 -14.96 -8.74 1.18
C LEU D 233 -14.11 -9.98 1.41
N TYR D 234 -13.28 -10.33 0.42
CA TYR D 234 -12.36 -11.48 0.55
C TYR D 234 -11.34 -11.30 1.70
N ASP D 235 -10.62 -10.18 1.78
CA ASP D 235 -9.72 -9.97 2.93
C ASP D 235 -10.49 -10.00 4.25
N PHE D 236 -11.70 -9.49 4.25
CA PHE D 236 -12.55 -9.57 5.43
C PHE D 236 -12.88 -11.05 5.34
N VAL D 237 -12.89 -11.80 6.45
CA VAL D 237 -13.22 -13.28 6.42
C VAL D 237 -12.03 -14.24 6.30
N LEU D 238 -11.00 -13.84 5.55
CA LEU D 238 -9.67 -14.48 5.60
C LEU D 238 -8.85 -13.92 6.78
N SER D 239 -9.51 -13.19 7.69
CA SER D 239 -8.80 -12.55 8.80
C SER D 239 -9.78 -12.22 9.90
N ASP D 240 -9.98 -13.20 10.76
CA ASP D 240 -10.76 -13.06 11.97
C ASP D 240 -11.76 -11.91 12.11
N MET D 241 -12.96 -12.19 11.62
CA MET D 241 -14.19 -11.68 12.23
C MET D 241 -14.17 -12.28 13.66
N GLY D 242 -15.20 -12.20 14.47
CA GLY D 242 -14.98 -12.61 15.87
C GLY D 242 -14.41 -11.39 16.57
N LYS D 243 -13.19 -11.01 16.17
CA LYS D 243 -12.52 -9.80 16.65
C LYS D 243 -13.26 -8.54 16.19
N PHE D 244 -13.62 -8.48 14.90
CA PHE D 244 -14.47 -7.37 14.40
C PHE D 244 -15.83 -7.36 15.09
N MET D 245 -16.42 -8.53 15.29
CA MET D 245 -17.73 -8.69 15.94
C MET D 245 -17.74 -8.21 17.39
N ASP D 246 -16.85 -8.76 18.23
CA ASP D 246 -16.57 -8.12 19.53
C ASP D 246 -15.85 -6.91 19.04
N ARG D 247 -15.93 -5.81 19.76
CA ARG D 247 -15.49 -4.52 19.20
C ARG D 247 -16.71 -3.85 18.67
N ALA D 248 -17.32 -4.47 17.66
CA ALA D 248 -18.61 -3.99 17.23
C ALA D 248 -19.51 -3.89 18.47
N ARG D 249 -19.50 -4.94 19.28
CA ARG D 249 -20.28 -4.97 20.52
C ARG D 249 -19.77 -4.05 21.60
N GLU D 250 -18.44 -3.91 21.75
CA GLU D 250 -17.87 -2.98 22.74
C GLU D 250 -18.35 -1.56 22.50
N LEU D 251 -18.10 -1.07 21.26
CA LEU D 251 -18.73 0.18 20.82
C LEU D 251 -20.20 -0.15 20.71
N GLY D 252 -21.12 0.79 20.83
CA GLY D 252 -22.54 0.37 20.81
C GLY D 252 -23.17 0.23 19.42
N GLU D 253 -24.22 -0.59 19.34
CA GLU D 253 -25.08 -0.63 18.15
C GLU D 253 -25.48 0.83 17.84
N LEU D 254 -25.44 1.20 16.57
CA LEU D 254 -25.74 2.56 16.14
C LEU D 254 -27.24 2.76 16.15
N PRO D 255 -27.69 4.03 16.26
CA PRO D 255 -29.13 4.31 16.14
C PRO D 255 -29.63 4.21 14.69
N PRO D 256 -30.83 3.61 14.48
CA PRO D 256 -31.41 3.35 13.17
C PRO D 256 -31.66 4.67 12.45
N TYR D 257 -31.58 4.71 11.12
CA TYR D 257 -32.00 5.91 10.38
C TYR D 257 -33.48 5.74 10.02
N PHE D 258 -33.89 4.51 9.73
CA PHE D 258 -35.32 4.16 9.62
C PHE D 258 -36.09 4.22 10.93
N ASP D 259 -37.38 3.94 10.88
CA ASP D 259 -38.16 3.77 12.12
C ASP D 259 -38.83 2.40 12.17
#